data_3UQZ
#
_entry.id   3UQZ
#
_cell.length_a   300.240
_cell.length_b   300.240
_cell.length_c   78.340
_cell.angle_alpha   90.00
_cell.angle_beta   90.00
_cell.angle_gamma   90.00
#
_symmetry.space_group_name_H-M   'I 41 2 2'
#
loop_
_entity.id
_entity.type
_entity.pdbx_description
1 polymer 'DNA processing protein DprA'
2 non-polymer 'SULFATE ION'
3 water water
#
_entity_poly.entity_id   1
_entity_poly.type   'polypeptide(L)'
_entity_poly.pdbx_seq_one_letter_code
;(MSE)KITNYEIYKLKKSGLTNQQILKVLEYGENVDQELLLGDIADISGCRNPAVF(MSE)ERYFQIDDAHLSKEFQKFP
SFSILDDCYPWDLSEIYDAPVLLFYKGNLDLLKFPKVAVVGSRACSKQGAKSVEKVIQGLENELVIVSGLAKGIDTAAH
(MSE)AALQNGGKTIAVIGTGLDVFYPKANKRLQDYIGNDHLVLSEYGPGEQPLKFHFPARNRIIAGLCRGVIVAEAK
(MSE)RSGSLITCERA(MSE)EEGRDVFAIPGSILDGLSDGCHHLIQEGAKLVTSGQDVLAEFEFHHHHHH
;
_entity_poly.pdbx_strand_id   A,B,C
#
# COMPACT_ATOMS: atom_id res chain seq x y z
N LYS A 2 -11.11 -2.69 31.84
CA LYS A 2 -11.05 -2.27 30.43
C LYS A 2 -9.95 -1.22 30.30
N ILE A 3 -8.93 -1.49 29.46
CA ILE A 3 -7.84 -0.54 29.25
C ILE A 3 -8.29 0.51 28.22
N THR A 4 -8.62 1.71 28.73
CA THR A 4 -9.04 2.88 27.94
C THR A 4 -7.81 3.78 27.75
N ASN A 5 -7.94 4.92 27.03
CA ASN A 5 -6.82 5.86 26.86
C ASN A 5 -6.38 6.44 28.21
N TYR A 6 -7.35 6.71 29.12
CA TYR A 6 -7.06 7.20 30.47
C TYR A 6 -6.24 6.16 31.25
N GLU A 7 -6.57 4.86 31.07
CA GLU A 7 -5.88 3.77 31.75
C GLU A 7 -4.46 3.63 31.24
N ILE A 8 -4.25 3.82 29.91
CA ILE A 8 -2.93 3.81 29.29
C ILE A 8 -2.06 4.88 29.99
N TYR A 9 -2.59 6.11 30.14
CA TYR A 9 -1.92 7.21 30.84
C TYR A 9 -1.65 6.83 32.29
N LYS A 10 -2.66 6.22 32.98
CA LYS A 10 -2.55 5.77 34.37
C LYS A 10 -1.44 4.71 34.53
N LEU A 11 -1.24 3.82 33.51
CA LEU A 11 -0.17 2.80 33.52
C LEU A 11 1.22 3.44 33.39
N LYS A 12 1.34 4.50 32.57
CA LYS A 12 2.58 5.27 32.39
C LYS A 12 2.93 5.95 33.73
N LYS A 13 1.91 6.50 34.42
CA LYS A 13 2.03 7.16 35.72
C LYS A 13 2.34 6.19 36.87
N SER A 14 2.06 4.89 36.68
CA SER A 14 2.31 3.85 37.67
C SER A 14 3.72 3.28 37.54
N GLY A 15 4.43 3.70 36.48
CA GLY A 15 5.81 3.30 36.22
C GLY A 15 6.07 2.39 35.05
N LEU A 16 5.05 2.12 34.23
CA LEU A 16 5.21 1.25 33.07
C LEU A 16 5.78 2.03 31.88
N THR A 17 6.81 1.45 31.22
CA THR A 17 7.44 2.07 30.04
C THR A 17 6.53 1.85 28.83
N ASN A 18 6.74 2.65 27.78
CA ASN A 18 6.00 2.54 26.52
C ASN A 18 6.08 1.13 25.94
N GLN A 19 7.30 0.51 25.95
CA GLN A 19 7.46 -0.86 25.47
C GLN A 19 6.66 -1.83 26.31
N GLN A 20 6.65 -1.64 27.65
CA GLN A 20 5.88 -2.50 28.57
C GLN A 20 4.38 -2.42 28.30
N ILE A 21 3.83 -1.20 28.04
CA ILE A 21 2.41 -1.00 27.72
C ILE A 21 2.08 -1.61 26.34
N LEU A 22 3.02 -1.52 25.39
CA LEU A 22 2.90 -2.12 24.06
C LEU A 22 2.70 -3.64 24.16
N LYS A 23 3.47 -4.34 25.04
CA LYS A 23 3.33 -5.79 25.28
C LYS A 23 1.94 -6.10 25.83
N VAL A 24 1.45 -5.29 26.81
CA VAL A 24 0.14 -5.44 27.45
C VAL A 24 -0.96 -5.32 26.40
N LEU A 25 -0.90 -4.25 25.57
CA LEU A 25 -1.90 -4.00 24.53
C LEU A 25 -1.95 -5.06 23.43
N GLU A 26 -0.78 -5.63 23.12
CA GLU A 26 -0.64 -6.70 22.11
C GLU A 26 -1.38 -7.96 22.57
N TYR A 27 -1.21 -8.34 23.85
CA TYR A 27 -1.87 -9.48 24.48
C TYR A 27 -3.37 -9.20 24.65
N GLY A 28 -3.70 -7.98 25.08
CA GLY A 28 -5.07 -7.54 25.32
C GLY A 28 -5.99 -7.52 24.12
N GLU A 29 -5.42 -7.57 22.90
CA GLU A 29 -6.14 -7.51 21.63
C GLU A 29 -7.23 -8.58 21.44
N ASN A 30 -6.86 -9.89 21.56
CA ASN A 30 -7.82 -10.98 21.40
C ASN A 30 -8.77 -11.19 22.59
N VAL A 31 -8.80 -10.23 23.53
CA VAL A 31 -9.64 -10.24 24.74
C VAL A 31 -10.38 -8.88 24.92
N ASP A 32 -10.31 -8.03 23.87
CA ASP A 32 -10.93 -6.71 23.77
C ASP A 32 -10.50 -5.71 24.84
N GLN A 33 -9.20 -5.79 25.20
CA GLN A 33 -8.51 -4.94 26.19
C GLN A 33 -9.10 -5.05 27.60
N GLU A 34 -9.69 -6.21 27.92
CA GLU A 34 -10.32 -6.55 29.19
C GLU A 34 -9.37 -7.51 29.90
N LEU A 35 -8.52 -6.96 30.78
CA LEU A 35 -7.48 -7.69 31.52
C LEU A 35 -7.51 -7.30 32.99
N LEU A 36 -7.21 -8.23 33.91
CA LEU A 36 -7.14 -7.77 35.29
C LEU A 36 -5.74 -7.34 35.67
N LEU A 37 -5.63 -6.40 36.63
CA LEU A 37 -4.39 -5.76 37.05
C LEU A 37 -3.20 -6.66 37.31
N GLY A 38 -3.44 -7.83 37.88
CA GLY A 38 -2.41 -8.84 38.15
C GLY A 38 -1.83 -9.38 36.86
N ASP A 39 -2.65 -9.50 35.81
CA ASP A 39 -2.22 -9.95 34.49
C ASP A 39 -1.44 -8.84 33.77
N ILE A 40 -1.92 -7.59 33.86
CA ILE A 40 -1.24 -6.43 33.28
C ILE A 40 0.19 -6.37 33.84
N ALA A 41 0.34 -6.52 35.18
CA ALA A 41 1.63 -6.51 35.88
C ALA A 41 2.56 -7.61 35.37
N ASP A 42 1.97 -8.78 35.09
CA ASP A 42 2.66 -9.98 34.62
C ASP A 42 3.13 -9.82 33.16
N ILE A 43 2.17 -9.61 32.22
CA ILE A 43 2.39 -9.43 30.76
C ILE A 43 3.44 -8.34 30.44
N SER A 44 3.38 -7.20 31.17
CA SER A 44 4.30 -6.06 31.01
C SER A 44 5.78 -6.46 31.11
N GLY A 45 6.08 -7.44 31.95
CA GLY A 45 7.44 -7.90 32.17
C GLY A 45 8.27 -6.95 33.02
N CYS A 46 7.61 -6.13 33.86
CA CYS A 46 8.31 -5.19 34.73
C CYS A 46 9.02 -5.94 35.87
N ARG A 47 10.15 -5.39 36.34
CA ARG A 47 10.99 -5.97 37.39
C ARG A 47 10.21 -6.26 38.69
N ASN A 48 9.49 -5.25 39.21
CA ASN A 48 8.72 -5.39 40.45
C ASN A 48 7.20 -5.19 40.24
N PRO A 49 6.45 -6.29 39.97
CA PRO A 49 4.99 -6.17 39.76
C PRO A 49 4.23 -5.61 40.96
N ALA A 50 4.67 -5.96 42.19
CA ALA A 50 4.07 -5.49 43.45
C ALA A 50 4.21 -3.97 43.59
N VAL A 51 5.36 -3.41 43.13
CA VAL A 51 5.61 -1.96 43.20
C VAL A 51 4.77 -1.20 42.19
N PHE A 52 4.55 -1.81 41.00
CA PHE A 52 3.70 -1.20 39.97
C PHE A 52 2.25 -1.13 40.48
N GLU A 54 1.11 -1.32 43.58
CA GLU A 54 1.08 -0.40 44.72
C GLU A 54 0.87 1.01 44.18
N ARG A 55 1.78 1.48 43.31
CA ARG A 55 1.74 2.80 42.66
C ARG A 55 0.43 3.07 41.95
N TYR A 56 -0.12 2.05 41.24
CA TYR A 56 -1.41 2.16 40.54
C TYR A 56 -2.54 2.50 41.54
N PHE A 57 -2.59 1.77 42.67
CA PHE A 57 -3.59 1.96 43.72
C PHE A 57 -3.48 3.29 44.45
N GLN A 58 -2.24 3.84 44.58
CA GLN A 58 -2.01 5.14 45.25
C GLN A 58 -2.45 6.34 44.42
N ILE A 59 -2.71 6.14 43.11
CA ILE A 59 -3.12 7.21 42.19
C ILE A 59 -4.50 7.77 42.52
N ASP A 60 -4.57 9.10 42.72
CA ASP A 60 -5.82 9.82 42.96
C ASP A 60 -6.45 10.04 41.58
N ASP A 61 -7.41 9.18 41.21
CA ASP A 61 -8.15 9.20 39.94
C ASP A 61 -8.78 10.54 39.59
N ALA A 62 -9.27 11.28 40.58
CA ALA A 62 -9.90 12.58 40.39
C ALA A 62 -8.88 13.63 39.91
N HIS A 63 -7.69 13.68 40.55
CA HIS A 63 -6.59 14.58 40.20
C HIS A 63 -6.00 14.23 38.83
N LEU A 64 -5.79 12.91 38.55
CA LEU A 64 -5.23 12.42 37.29
C LEU A 64 -6.17 12.60 36.11
N SER A 65 -7.49 12.46 36.33
CA SER A 65 -8.49 12.64 35.27
C SER A 65 -8.53 14.09 34.79
N LYS A 66 -8.28 15.04 35.69
CA LYS A 66 -8.24 16.47 35.38
C LYS A 66 -6.99 16.75 34.50
N GLU A 67 -5.84 16.18 34.90
CA GLU A 67 -4.54 16.27 34.23
C GLU A 67 -4.61 15.68 32.79
N PHE A 68 -5.12 14.43 32.68
CA PHE A 68 -5.29 13.71 31.41
C PHE A 68 -6.21 14.45 30.42
N GLN A 69 -7.25 15.12 30.92
CA GLN A 69 -8.24 15.82 30.09
C GLN A 69 -7.88 17.25 29.68
N LYS A 70 -6.80 17.84 30.26
CA LYS A 70 -6.33 19.20 29.95
C LYS A 70 -6.09 19.40 28.45
N PHE A 71 -5.47 18.41 27.77
CA PHE A 71 -5.24 18.41 26.33
C PHE A 71 -5.81 17.12 25.75
N PRO A 72 -6.43 17.16 24.54
CA PRO A 72 -6.97 15.92 23.95
C PRO A 72 -5.86 14.91 23.61
N SER A 73 -6.25 13.67 23.29
CA SER A 73 -5.29 12.60 23.00
C SER A 73 -5.88 11.53 22.09
N PHE A 74 -5.02 10.62 21.64
CA PHE A 74 -5.32 9.42 20.85
C PHE A 74 -4.24 8.38 21.14
N SER A 75 -4.61 7.10 21.06
CA SER A 75 -3.68 6.00 21.36
C SER A 75 -3.54 5.07 20.16
N ILE A 76 -2.61 4.11 20.27
CA ILE A 76 -2.36 3.07 19.27
C ILE A 76 -3.62 2.17 19.05
N LEU A 77 -4.63 2.27 19.94
CA LEU A 77 -5.89 1.52 19.86
C LEU A 77 -6.92 2.23 18.97
N ASP A 78 -6.78 3.56 18.81
CA ASP A 78 -7.65 4.41 18.00
C ASP A 78 -7.39 4.32 16.50
N ASP A 79 -8.48 4.50 15.72
CA ASP A 79 -8.51 4.43 14.25
C ASP A 79 -7.64 5.50 13.58
N CYS A 80 -7.56 6.69 14.21
CA CYS A 80 -6.82 7.83 13.68
C CYS A 80 -5.29 7.68 13.78
N TYR A 81 -4.81 6.75 14.61
CA TYR A 81 -3.38 6.52 14.76
C TYR A 81 -2.78 6.14 13.39
N PRO A 82 -1.79 6.94 12.88
CA PRO A 82 -1.23 6.64 11.54
C PRO A 82 -0.43 5.34 11.46
N TRP A 83 -0.73 4.55 10.42
CA TRP A 83 -0.16 3.23 10.17
C TRP A 83 1.34 3.18 10.03
N ASP A 84 1.96 4.23 9.45
CA ASP A 84 3.42 4.27 9.30
C ASP A 84 4.11 4.34 10.67
N LEU A 85 3.56 5.14 11.60
CA LEU A 85 4.08 5.27 12.96
C LEU A 85 3.94 3.96 13.77
N SER A 86 2.89 3.18 13.52
CA SER A 86 2.66 1.90 14.21
C SER A 86 3.71 0.85 13.88
N GLU A 87 4.37 0.97 12.71
CA GLU A 87 5.39 0.03 12.21
C GLU A 87 6.77 0.15 12.86
N ILE A 88 7.04 1.25 13.57
CA ILE A 88 8.34 1.45 14.19
C ILE A 88 8.51 0.66 15.46
N TYR A 89 9.75 0.43 15.85
CA TYR A 89 10.04 -0.23 17.12
C TYR A 89 9.77 0.81 18.21
N ASP A 90 9.04 0.41 19.27
CA ASP A 90 8.67 1.28 20.39
C ASP A 90 7.76 2.45 19.97
N ALA A 91 6.75 2.15 19.11
CA ALA A 91 5.79 3.13 18.63
C ALA A 91 5.09 3.81 19.82
N PRO A 92 4.92 5.16 19.83
CA PRO A 92 4.26 5.81 20.97
C PRO A 92 2.89 5.21 21.23
N VAL A 93 2.66 4.79 22.46
CA VAL A 93 1.43 4.14 22.87
C VAL A 93 0.25 5.14 23.05
N LEU A 94 0.57 6.38 23.47
CA LEU A 94 -0.39 7.45 23.69
C LEU A 94 0.25 8.80 23.32
N LEU A 95 -0.47 9.63 22.55
CA LEU A 95 -0.03 10.96 22.12
C LEU A 95 -1.07 12.03 22.41
N PHE A 96 -0.65 13.09 23.10
CA PHE A 96 -1.47 14.26 23.39
C PHE A 96 -1.24 15.23 22.25
N TYR A 97 -2.27 16.00 21.88
CA TYR A 97 -2.19 16.92 20.77
C TYR A 97 -2.90 18.24 21.02
N LYS A 98 -2.54 19.22 20.18
CA LYS A 98 -3.05 20.56 20.14
C LYS A 98 -3.13 20.91 18.65
N GLY A 99 -4.33 21.00 18.13
CA GLY A 99 -4.57 21.34 16.74
C GLY A 99 -5.45 20.37 15.97
N ASN A 100 -5.24 20.35 14.65
CA ASN A 100 -6.01 19.59 13.68
C ASN A 100 -5.39 18.24 13.36
N LEU A 101 -6.09 17.15 13.76
CA LEU A 101 -5.67 15.77 13.51
C LEU A 101 -5.74 15.39 12.03
N ASP A 102 -6.42 16.20 11.19
CA ASP A 102 -6.55 15.90 9.75
C ASP A 102 -5.21 15.89 9.02
N LEU A 103 -4.22 16.63 9.55
CA LEU A 103 -2.87 16.71 9.01
C LEU A 103 -2.18 15.35 9.00
N LEU A 104 -2.62 14.41 9.86
CA LEU A 104 -2.08 13.04 9.91
C LEU A 104 -2.56 12.20 8.73
N LYS A 105 -3.56 12.68 7.96
CA LYS A 105 -4.13 11.97 6.81
C LYS A 105 -3.37 12.25 5.50
N PHE A 106 -2.49 13.26 5.52
CA PHE A 106 -1.74 13.71 4.36
C PHE A 106 -0.33 13.10 4.24
N PRO A 107 0.28 13.11 3.01
CA PRO A 107 1.67 12.63 2.91
C PRO A 107 2.61 13.57 3.66
N LYS A 108 3.53 12.99 4.46
CA LYS A 108 4.44 13.72 5.35
C LYS A 108 5.92 13.47 5.06
N VAL A 109 6.75 14.50 5.27
CA VAL A 109 8.21 14.44 5.12
C VAL A 109 8.84 15.06 6.36
N ALA A 110 9.83 14.37 6.94
CA ALA A 110 10.55 14.88 8.10
C ALA A 110 11.71 15.80 7.64
N VAL A 111 12.05 16.79 8.46
CA VAL A 111 13.15 17.74 8.21
C VAL A 111 13.93 17.88 9.51
N VAL A 112 15.21 17.46 9.48
CA VAL A 112 16.08 17.48 10.66
C VAL A 112 17.40 18.18 10.36
N GLY A 113 18.05 18.67 11.41
CA GLY A 113 19.34 19.35 11.27
C GLY A 113 19.81 20.12 12.48
N SER A 114 20.98 20.75 12.33
CA SER A 114 21.70 21.52 13.34
C SER A 114 20.85 22.52 14.11
N ARG A 115 20.99 22.50 15.45
CA ARG A 115 20.34 23.42 16.38
C ARG A 115 21.00 24.81 16.20
N ALA A 116 22.33 24.82 15.92
CA ALA A 116 23.15 26.01 15.68
C ALA A 116 23.61 25.99 14.21
N CYS A 117 22.65 26.09 13.30
CA CYS A 117 22.94 26.06 11.87
C CYS A 117 23.44 27.43 11.39
N SER A 118 23.91 27.49 10.14
CA SER A 118 24.37 28.70 9.45
C SER A 118 23.20 29.30 8.66
N LYS A 119 23.35 30.56 8.23
CA LYS A 119 22.33 31.24 7.43
C LYS A 119 22.14 30.55 6.08
N GLN A 120 23.23 29.94 5.54
CA GLN A 120 23.24 29.19 4.28
C GLN A 120 22.47 27.90 4.44
N GLY A 121 22.63 27.23 5.59
CA GLY A 121 21.89 26.02 5.94
C GLY A 121 20.39 26.24 5.95
N ALA A 122 19.94 27.34 6.59
CA ALA A 122 18.52 27.72 6.65
C ALA A 122 17.96 28.04 5.27
N LYS A 123 18.75 28.71 4.40
CA LYS A 123 18.31 29.07 3.05
C LYS A 123 18.20 27.82 2.15
N SER A 124 19.05 26.80 2.41
CA SER A 124 19.07 25.52 1.69
C SER A 124 17.76 24.78 1.95
N VAL A 125 17.34 24.72 3.22
CA VAL A 125 16.10 24.05 3.67
C VAL A 125 14.90 24.76 3.04
N GLU A 126 14.88 26.12 3.10
CA GLU A 126 13.84 26.97 2.54
C GLU A 126 13.68 26.72 1.03
N LYS A 127 14.79 26.61 0.29
CA LYS A 127 14.82 26.38 -1.16
C LYS A 127 14.23 24.99 -1.49
N VAL A 128 14.69 23.92 -0.79
CA VAL A 128 14.20 22.56 -0.97
C VAL A 128 12.67 22.48 -0.66
N ILE A 129 12.22 23.09 0.45
CA ILE A 129 10.80 23.10 0.83
C ILE A 129 9.93 23.82 -0.21
N GLN A 130 10.39 24.99 -0.71
CA GLN A 130 9.68 25.76 -1.73
C GLN A 130 9.44 24.90 -2.98
N GLY A 131 10.47 24.15 -3.39
CA GLY A 131 10.42 23.23 -4.53
C GLY A 131 9.50 22.04 -4.36
N LEU A 132 9.06 21.74 -3.11
CA LEU A 132 8.14 20.64 -2.80
C LEU A 132 6.70 21.00 -3.24
N GLU A 133 6.42 22.31 -3.45
CA GLU A 133 5.17 22.89 -3.95
C GLU A 133 3.95 22.46 -3.12
N ASN A 134 4.09 22.50 -1.78
CA ASN A 134 3.06 22.13 -0.81
C ASN A 134 2.44 20.72 -0.97
N GLU A 135 3.17 19.81 -1.62
CA GLU A 135 2.73 18.44 -1.84
C GLU A 135 2.84 17.58 -0.56
N LEU A 136 3.73 17.98 0.37
CA LEU A 136 4.00 17.24 1.61
C LEU A 136 3.85 18.08 2.85
N VAL A 137 3.40 17.45 3.94
CA VAL A 137 3.30 18.08 5.26
C VAL A 137 4.72 18.01 5.86
N ILE A 138 5.21 19.18 6.32
CA ILE A 138 6.55 19.28 6.90
C ILE A 138 6.50 18.89 8.38
N VAL A 139 7.13 17.74 8.71
CA VAL A 139 7.17 17.27 10.09
C VAL A 139 8.55 17.58 10.68
N SER A 140 8.58 18.33 11.80
CA SER A 140 9.81 18.69 12.49
C SER A 140 9.57 18.87 14.00
N GLY A 141 10.63 19.13 14.77
CA GLY A 141 10.55 19.19 16.21
C GLY A 141 10.61 20.52 16.94
N LEU A 142 10.40 21.62 16.23
CA LEU A 142 10.36 22.97 16.82
C LEU A 142 11.66 23.46 17.49
N ALA A 143 12.78 22.76 17.28
CA ALA A 143 14.09 23.14 17.81
C ALA A 143 14.60 24.38 17.08
N LYS A 144 15.56 25.10 17.69
CA LYS A 144 16.13 26.26 17.00
C LYS A 144 17.01 25.78 15.86
N GLY A 145 17.17 26.62 14.84
CA GLY A 145 17.98 26.27 13.69
C GLY A 145 17.19 25.71 12.54
N ILE A 146 17.62 24.53 12.03
CA ILE A 146 17.01 23.84 10.88
C ILE A 146 15.52 23.56 11.07
N ASP A 147 15.11 23.05 12.25
CA ASP A 147 13.73 22.74 12.57
C ASP A 147 12.85 23.98 12.41
N THR A 148 13.27 25.13 13.00
CA THR A 148 12.52 26.40 12.91
C THR A 148 12.40 26.88 11.46
N ALA A 149 13.49 26.77 10.69
CA ALA A 149 13.53 27.18 9.29
C ALA A 149 12.62 26.30 8.43
N ALA A 150 12.49 25.01 8.82
CA ALA A 150 11.62 24.04 8.15
C ALA A 150 10.13 24.43 8.33
N HIS A 151 9.73 24.74 9.57
CA HIS A 151 8.38 25.14 9.95
C HIS A 151 7.99 26.44 9.28
N ALA A 153 9.28 27.90 6.59
CA ALA A 153 9.23 27.73 5.13
C ALA A 153 7.91 27.10 4.67
N ALA A 154 7.37 26.15 5.46
CA ALA A 154 6.09 25.50 5.20
C ALA A 154 4.99 26.54 5.30
N LEU A 155 5.02 27.35 6.36
CA LEU A 155 4.04 28.40 6.66
C LEU A 155 4.00 29.49 5.60
N GLN A 156 5.17 29.98 5.20
CA GLN A 156 5.29 31.00 4.17
C GLN A 156 4.79 30.55 2.81
N ASN A 157 5.02 29.29 2.45
CA ASN A 157 4.57 28.79 1.15
C ASN A 157 3.06 28.58 1.08
N GLY A 158 2.40 28.60 2.22
CA GLY A 158 0.97 28.35 2.35
C GLY A 158 0.69 26.87 2.53
N GLY A 159 1.68 26.16 3.09
CA GLY A 159 1.61 24.73 3.35
C GLY A 159 1.30 24.35 4.78
N LYS A 160 1.37 23.06 5.08
CA LYS A 160 1.04 22.55 6.41
C LYS A 160 2.24 22.00 7.14
N THR A 161 2.26 22.15 8.48
CA THR A 161 3.33 21.64 9.34
C THR A 161 2.87 20.89 10.61
N ILE A 162 3.62 19.84 11.01
CA ILE A 162 3.39 19.10 12.26
C ILE A 162 4.64 19.26 13.12
N ALA A 163 4.47 19.66 14.39
CA ALA A 163 5.57 19.77 15.36
C ALA A 163 5.45 18.65 16.40
N VAL A 164 6.58 17.96 16.68
CA VAL A 164 6.65 16.89 17.70
C VAL A 164 7.58 17.47 18.80
N ILE A 165 7.02 17.77 19.96
CA ILE A 165 7.79 18.40 21.04
C ILE A 165 8.35 17.43 22.10
N GLY A 166 9.29 17.93 22.90
CA GLY A 166 9.92 17.19 23.99
C GLY A 166 9.54 17.70 25.37
N THR A 167 8.39 18.39 25.47
CA THR A 167 7.83 18.96 26.69
C THR A 167 6.29 18.76 26.69
N GLY A 168 5.62 19.27 27.74
CA GLY A 168 4.17 19.27 27.83
C GLY A 168 3.65 20.33 26.86
N LEU A 169 2.37 20.21 26.44
CA LEU A 169 1.75 21.14 25.49
C LEU A 169 1.56 22.59 26.01
N ASP A 170 1.82 22.81 27.32
CA ASP A 170 1.73 24.11 28.01
C ASP A 170 3.12 24.62 28.38
N VAL A 171 4.17 23.93 27.88
CA VAL A 171 5.59 24.22 28.09
C VAL A 171 6.23 24.55 26.73
N PHE A 172 7.15 25.52 26.71
CA PHE A 172 7.74 25.96 25.46
C PHE A 172 9.24 25.82 25.43
N TYR A 173 9.77 24.96 24.51
CA TYR A 173 11.21 24.80 24.36
C TYR A 173 11.63 24.74 22.89
N PRO A 174 12.54 25.62 22.42
CA PRO A 174 13.18 26.74 23.14
C PRO A 174 12.18 27.85 23.50
N LYS A 175 12.48 28.67 24.53
CA LYS A 175 11.61 29.76 24.98
C LYS A 175 11.29 30.77 23.88
N ALA A 176 12.24 31.03 22.97
CA ALA A 176 12.09 31.98 21.85
C ALA A 176 11.05 31.56 20.82
N ASN A 177 10.74 30.25 20.76
CA ASN A 177 9.77 29.69 19.81
C ASN A 177 8.34 29.63 20.32
N LYS A 178 8.03 30.25 21.48
CA LYS A 178 6.68 30.23 22.06
C LYS A 178 5.60 30.59 21.05
N ARG A 179 5.71 31.75 20.40
CA ARG A 179 4.74 32.25 19.41
C ARG A 179 4.51 31.29 18.26
N LEU A 180 5.59 30.66 17.76
CA LEU A 180 5.54 29.67 16.68
C LEU A 180 4.84 28.39 17.16
N GLN A 181 5.12 27.92 18.40
CA GLN A 181 4.48 26.72 18.97
C GLN A 181 2.98 26.98 19.16
N ASP A 182 2.64 28.17 19.70
CA ASP A 182 1.26 28.60 19.92
C ASP A 182 0.48 28.65 18.62
N TYR A 183 1.09 29.22 17.56
CA TYR A 183 0.46 29.33 16.24
C TYR A 183 0.27 27.97 15.58
N ILE A 184 1.31 27.10 15.63
CA ILE A 184 1.25 25.75 15.07
C ILE A 184 0.13 24.98 15.79
N GLY A 185 -0.02 25.22 17.10
CA GLY A 185 -1.10 24.63 17.88
C GLY A 185 -2.48 25.13 17.50
N ASN A 186 -2.57 26.37 17.01
CA ASN A 186 -3.82 27.00 16.58
C ASN A 186 -4.28 26.50 15.20
N ASP A 187 -3.50 26.79 14.16
CA ASP A 187 -3.84 26.49 12.78
C ASP A 187 -3.39 25.15 12.22
N HIS A 188 -2.36 24.51 12.82
CA HIS A 188 -1.75 23.25 12.37
C HIS A 188 -1.91 22.15 13.43
N LEU A 189 -0.85 21.34 13.71
CA LEU A 189 -0.87 20.26 14.70
C LEU A 189 0.44 20.14 15.49
N VAL A 190 0.34 20.07 16.83
CA VAL A 190 1.48 19.87 17.74
C VAL A 190 1.21 18.55 18.45
N LEU A 191 2.19 17.64 18.41
CA LEU A 191 2.09 16.34 19.08
C LEU A 191 3.10 16.23 20.22
N SER A 192 2.73 15.47 21.28
CA SER A 192 3.58 15.23 22.46
C SER A 192 3.21 13.94 23.19
N GLU A 193 4.21 13.26 23.73
CA GLU A 193 4.02 12.04 24.53
C GLU A 193 3.93 12.43 26.01
N TYR A 194 4.33 13.67 26.33
CA TYR A 194 4.42 14.24 27.67
C TYR A 194 3.19 14.99 28.12
N GLY A 195 2.81 14.77 29.36
CA GLY A 195 1.64 15.36 29.98
C GLY A 195 1.85 16.79 30.44
N PRO A 196 0.79 17.44 30.98
CA PRO A 196 0.92 18.85 31.38
C PRO A 196 2.08 19.19 32.33
N GLY A 197 2.77 20.29 32.02
CA GLY A 197 3.86 20.80 32.84
C GLY A 197 5.19 20.08 32.75
N GLU A 198 5.33 19.05 31.90
CA GLU A 198 6.58 18.30 31.73
C GLU A 198 7.67 19.15 31.07
N GLN A 199 8.86 19.14 31.68
CA GLN A 199 10.03 19.95 31.31
C GLN A 199 10.92 19.40 30.20
N PRO A 200 11.71 20.27 29.51
CA PRO A 200 12.61 19.79 28.44
C PRO A 200 13.84 18.99 28.95
N LEU A 201 13.58 17.78 29.49
CA LEU A 201 14.59 16.85 29.98
C LEU A 201 15.36 16.30 28.78
N LYS A 202 16.69 16.16 28.92
CA LYS A 202 17.58 15.72 27.83
C LYS A 202 17.08 14.53 27.02
N PHE A 203 16.68 13.43 27.70
CA PHE A 203 16.21 12.19 27.08
C PHE A 203 14.92 12.30 26.26
N HIS A 204 14.14 13.37 26.46
CA HIS A 204 12.88 13.64 25.75
C HIS A 204 13.09 13.89 24.26
N PHE A 205 14.24 14.47 23.90
CA PHE A 205 14.60 14.83 22.53
C PHE A 205 14.95 13.68 21.59
N PRO A 206 15.89 12.75 21.93
CA PRO A 206 16.09 11.56 21.07
C PRO A 206 14.81 10.73 20.95
N ALA A 207 14.00 10.67 22.03
CA ALA A 207 12.73 9.94 22.09
C ALA A 207 11.68 10.52 21.10
N ARG A 208 11.55 11.85 21.11
CA ARG A 208 10.69 12.68 20.25
C ARG A 208 11.09 12.47 18.78
N ASN A 209 12.41 12.36 18.49
CA ASN A 209 12.95 12.16 17.14
C ASN A 209 12.49 10.88 16.46
N ARG A 210 12.29 9.82 17.25
CA ARG A 210 11.79 8.51 16.81
C ARG A 210 10.39 8.67 16.16
N ILE A 211 9.54 9.56 16.75
CA ILE A 211 8.18 9.88 16.28
C ILE A 211 8.26 10.70 14.97
N ILE A 212 9.13 11.76 14.94
CA ILE A 212 9.35 12.60 13.75
C ILE A 212 9.65 11.70 12.54
N ALA A 213 10.64 10.80 12.68
CA ALA A 213 11.03 9.87 11.63
C ALA A 213 9.93 8.85 11.33
N GLY A 214 9.36 8.24 12.36
CA GLY A 214 8.32 7.22 12.27
C GLY A 214 7.04 7.64 11.55
N LEU A 215 6.66 8.92 11.72
CA LEU A 215 5.49 9.51 11.09
C LEU A 215 5.61 9.60 9.56
N CYS A 216 6.84 9.71 9.03
CA CYS A 216 7.12 9.95 7.61
C CYS A 216 7.78 8.83 6.81
N ARG A 217 7.61 8.89 5.46
CA ARG A 217 8.18 7.94 4.50
C ARG A 217 9.61 8.35 4.08
N GLY A 218 9.98 9.60 4.39
CA GLY A 218 11.28 10.17 4.10
C GLY A 218 11.71 11.24 5.08
N VAL A 219 13.04 11.38 5.26
CA VAL A 219 13.65 12.37 6.16
C VAL A 219 14.62 13.24 5.36
N ILE A 220 14.47 14.57 5.45
CA ILE A 220 15.35 15.55 4.81
C ILE A 220 16.36 16.06 5.85
N VAL A 221 17.68 15.90 5.56
CA VAL A 221 18.77 16.36 6.42
C VAL A 221 19.45 17.57 5.82
N ALA A 222 19.87 18.48 6.68
CA ALA A 222 20.60 19.68 6.34
C ALA A 222 21.44 20.07 7.53
N GLU A 223 22.73 20.27 7.27
CA GLU A 223 23.72 20.67 8.27
C GLU A 223 23.75 19.74 9.48
N ALA A 224 23.94 18.45 9.23
CA ALA A 224 24.08 17.46 10.29
C ALA A 224 25.58 17.28 10.51
N LYS A 225 26.03 17.51 11.74
CA LYS A 225 27.44 17.37 12.13
C LYS A 225 27.70 15.90 12.41
N ARG A 227 28.45 12.78 14.74
CA ARG A 227 28.00 12.42 16.10
C ARG A 227 26.92 13.36 16.68
N SER A 228 26.06 13.91 15.79
CA SER A 228 24.98 14.84 16.12
C SER A 228 23.65 14.08 16.29
N GLY A 229 22.65 14.78 16.81
CA GLY A 229 21.31 14.24 17.02
C GLY A 229 20.60 13.94 15.72
N SER A 230 20.77 14.83 14.70
CA SER A 230 20.18 14.73 13.37
C SER A 230 20.66 13.47 12.64
N LEU A 231 21.97 13.16 12.78
CA LEU A 231 22.61 11.99 12.18
C LEU A 231 22.03 10.71 12.77
N ILE A 232 21.88 10.67 14.12
CA ILE A 232 21.30 9.55 14.87
C ILE A 232 19.86 9.25 14.39
N THR A 233 19.05 10.31 14.18
CA THR A 233 17.67 10.24 13.68
C THR A 233 17.66 9.59 12.28
N CYS A 234 18.59 9.98 11.39
CA CYS A 234 18.72 9.48 10.02
C CYS A 234 19.22 8.05 9.95
N GLU A 235 20.21 7.72 10.79
CA GLU A 235 20.74 6.37 10.86
C GLU A 235 19.64 5.41 11.34
N ARG A 236 18.83 5.81 12.33
CA ARG A 236 17.71 5.01 12.82
C ARG A 236 16.56 4.98 11.78
N ALA A 237 16.35 6.08 11.02
CA ALA A 237 15.33 6.14 9.96
C ALA A 237 15.68 5.17 8.82
N GLU A 239 17.43 2.40 9.28
CA GLU A 239 17.18 1.09 9.89
C GLU A 239 15.70 0.73 9.83
N GLU A 240 14.80 1.74 9.85
CA GLU A 240 13.35 1.55 9.76
C GLU A 240 12.86 1.44 8.29
N GLY A 241 13.81 1.46 7.34
CA GLY A 241 13.54 1.37 5.91
C GLY A 241 13.02 2.64 5.27
N ARG A 242 13.25 3.80 5.93
CA ARG A 242 12.81 5.11 5.42
C ARG A 242 13.90 5.77 4.58
N ASP A 243 13.49 6.54 3.55
CA ASP A 243 14.40 7.25 2.66
C ASP A 243 14.98 8.45 3.36
N VAL A 244 16.30 8.69 3.17
CA VAL A 244 16.96 9.86 3.71
C VAL A 244 17.51 10.71 2.57
N PHE A 245 17.08 11.99 2.54
CA PHE A 245 17.43 12.95 1.51
C PHE A 245 18.37 13.96 2.13
N ALA A 246 19.66 13.90 1.77
CA ALA A 246 20.66 14.78 2.35
C ALA A 246 21.03 15.96 1.47
N ILE A 247 21.03 17.18 2.04
CA ILE A 247 21.42 18.42 1.37
C ILE A 247 22.93 18.59 1.57
N PRO A 248 23.74 18.66 0.49
CA PRO A 248 25.20 18.82 0.68
C PRO A 248 25.60 20.26 1.02
N GLY A 249 26.85 20.41 1.43
CA GLY A 249 27.43 21.69 1.77
C GLY A 249 28.94 21.70 1.60
N SER A 250 29.60 22.73 2.16
CA SER A 250 31.04 22.90 2.13
C SER A 250 31.70 21.77 2.90
N ILE A 251 32.90 21.33 2.47
CA ILE A 251 33.64 20.27 3.17
C ILE A 251 34.58 20.88 4.22
N LEU A 252 34.61 22.23 4.26
CA LEU A 252 35.47 23.04 5.14
C LEU A 252 34.88 23.26 6.54
N ASP A 253 33.59 23.70 6.65
CA ASP A 253 32.85 24.02 7.89
C ASP A 253 32.76 22.95 8.97
N GLY A 254 32.55 21.71 8.57
CA GLY A 254 32.31 20.62 9.52
C GLY A 254 30.81 20.46 9.77
N LEU A 255 30.02 21.47 9.36
CA LEU A 255 28.57 21.53 9.49
C LEU A 255 27.82 20.47 8.71
N SER A 256 28.25 20.12 7.47
CA SER A 256 27.56 19.14 6.65
C SER A 256 28.22 17.76 6.58
N ASP A 257 29.13 17.46 7.53
CA ASP A 257 29.88 16.21 7.59
C ASP A 257 29.01 14.98 7.71
N GLY A 258 27.93 15.10 8.49
CA GLY A 258 26.98 14.02 8.72
C GLY A 258 26.15 13.71 7.48
N CYS A 259 25.74 14.77 6.75
CA CYS A 259 25.01 14.70 5.47
C CYS A 259 25.86 13.97 4.46
N HIS A 260 27.15 14.34 4.38
CA HIS A 260 28.13 13.77 3.47
C HIS A 260 28.38 12.31 3.77
N HIS A 261 28.49 11.95 5.05
CA HIS A 261 28.67 10.57 5.51
C HIS A 261 27.45 9.72 5.11
N LEU A 262 26.22 10.29 5.29
CA LEU A 262 24.96 9.62 4.95
C LEU A 262 24.86 9.32 3.45
N ILE A 263 25.24 10.30 2.59
CA ILE A 263 25.25 10.16 1.12
C ILE A 263 26.21 9.02 0.73
N GLN A 264 27.40 8.98 1.35
CA GLN A 264 28.40 7.94 1.11
C GLN A 264 27.85 6.57 1.46
N GLU A 265 27.06 6.51 2.56
CA GLU A 265 26.43 5.29 3.07
C GLU A 265 25.15 4.85 2.33
N GLY A 266 24.74 5.61 1.31
CA GLY A 266 23.60 5.23 0.50
C GLY A 266 22.44 6.21 0.41
N ALA A 267 22.46 7.31 1.21
CA ALA A 267 21.38 8.30 1.17
C ALA A 267 21.38 9.08 -0.13
N LYS A 268 20.21 9.65 -0.47
CA LYS A 268 20.04 10.40 -1.72
C LYS A 268 20.48 11.84 -1.52
N LEU A 269 21.39 12.32 -2.39
CA LEU A 269 21.86 13.71 -2.38
C LEU A 269 20.76 14.52 -3.05
N VAL A 270 20.29 15.60 -2.40
CA VAL A 270 19.22 16.44 -2.95
C VAL A 270 19.65 17.90 -3.08
N THR A 271 19.25 18.55 -4.19
CA THR A 271 19.59 19.96 -4.50
C THR A 271 18.34 20.83 -4.60
N SER A 272 17.16 20.19 -4.76
CA SER A 272 15.86 20.87 -4.87
C SER A 272 14.74 20.00 -4.31
N GLY A 273 13.53 20.58 -4.24
CA GLY A 273 12.32 19.88 -3.84
C GLY A 273 11.92 18.85 -4.88
N GLN A 274 12.24 19.14 -6.15
CA GLN A 274 12.02 18.26 -7.29
C GLN A 274 12.82 16.97 -7.15
N ASP A 275 14.05 17.05 -6.59
CA ASP A 275 14.92 15.91 -6.34
C ASP A 275 14.28 14.99 -5.29
N VAL A 276 13.61 15.57 -4.28
CA VAL A 276 12.89 14.85 -3.22
C VAL A 276 11.65 14.17 -3.80
N LEU A 277 10.82 14.94 -4.50
CA LEU A 277 9.60 14.47 -5.14
C LEU A 277 9.84 13.35 -6.12
N ALA A 278 10.98 13.40 -6.84
CA ALA A 278 11.36 12.37 -7.81
C ALA A 278 11.53 10.98 -7.19
N GLU A 279 12.01 10.90 -5.92
CA GLU A 279 12.29 9.63 -5.23
C GLU A 279 11.38 9.28 -4.05
N PHE A 280 10.46 10.20 -3.66
CA PHE A 280 9.56 10.05 -2.52
C PHE A 280 8.51 8.92 -2.67
N GLU A 281 8.35 8.10 -1.60
CA GLU A 281 7.37 7.01 -1.54
C GLU A 281 6.01 7.55 -1.06
N PHE A 282 5.05 7.64 -1.99
CA PHE A 282 3.72 8.19 -1.72
C PHE A 282 2.68 7.13 -1.27
N HIS A 283 1.95 6.49 -2.24
CA HIS A 283 0.90 5.44 -2.14
C HIS A 283 -0.20 5.74 -3.17
N LYS B 2 -21.18 14.76 -0.65
CA LYS B 2 -20.82 13.44 -1.15
C LYS B 2 -20.33 13.61 -2.59
N ILE B 3 -19.07 13.22 -2.86
CA ILE B 3 -18.50 13.33 -4.21
C ILE B 3 -18.97 12.12 -5.04
N THR B 4 -19.96 12.37 -5.91
CA THR B 4 -20.53 11.39 -6.83
C THR B 4 -19.83 11.56 -8.19
N ASN B 5 -20.17 10.72 -9.20
CA ASN B 5 -19.57 10.84 -10.53
C ASN B 5 -19.92 12.18 -11.16
N TYR B 6 -21.16 12.69 -10.91
CA TYR B 6 -21.62 14.00 -11.39
C TYR B 6 -20.77 15.12 -10.77
N GLU B 7 -20.43 14.97 -9.48
CA GLU B 7 -19.61 15.95 -8.77
C GLU B 7 -18.20 15.98 -9.29
N ILE B 8 -17.63 14.79 -9.63
CA ILE B 8 -16.31 14.67 -10.26
C ILE B 8 -16.30 15.50 -11.56
N TYR B 9 -17.34 15.32 -12.42
CA TYR B 9 -17.51 16.09 -13.66
C TYR B 9 -17.63 17.58 -13.35
N LYS B 10 -18.46 17.94 -12.33
CA LYS B 10 -18.65 19.33 -11.90
C LYS B 10 -17.34 19.98 -11.42
N LEU B 11 -16.43 19.18 -10.77
CA LEU B 11 -15.10 19.66 -10.32
C LEU B 11 -14.19 19.95 -11.51
N LYS B 12 -14.25 19.11 -12.57
CA LYS B 12 -13.50 19.28 -13.81
C LYS B 12 -13.97 20.57 -14.49
N LYS B 13 -15.29 20.81 -14.49
CA LYS B 13 -15.93 22.00 -15.06
C LYS B 13 -15.67 23.27 -14.27
N SER B 14 -15.28 23.15 -12.98
CA SER B 14 -14.98 24.28 -12.11
C SER B 14 -13.51 24.70 -12.24
N GLY B 15 -12.73 23.91 -12.96
CA GLY B 15 -11.32 24.21 -13.22
C GLY B 15 -10.30 23.29 -12.58
N LEU B 16 -10.73 22.19 -11.96
CA LEU B 16 -9.82 21.26 -11.32
C LEU B 16 -9.24 20.28 -12.33
N THR B 17 -7.91 20.08 -12.29
CA THR B 17 -7.22 19.15 -13.20
C THR B 17 -7.42 17.73 -12.70
N ASN B 18 -7.20 16.73 -13.58
CA ASN B 18 -7.31 15.31 -13.26
C ASN B 18 -6.43 14.95 -12.05
N GLN B 19 -5.19 15.51 -11.98
CA GLN B 19 -4.23 15.30 -10.88
C GLN B 19 -4.76 15.91 -9.58
N GLN B 20 -5.43 17.09 -9.67
CA GLN B 20 -6.04 17.75 -8.52
C GLN B 20 -7.23 16.95 -7.95
N ILE B 21 -8.09 16.38 -8.83
CA ILE B 21 -9.23 15.54 -8.42
C ILE B 21 -8.74 14.22 -7.81
N LEU B 22 -7.60 13.69 -8.33
CA LEU B 22 -6.97 12.47 -7.81
C LEU B 22 -6.53 12.66 -6.34
N LYS B 23 -5.94 13.83 -6.01
CA LYS B 23 -5.55 14.19 -4.64
C LYS B 23 -6.80 14.21 -3.73
N VAL B 24 -7.89 14.86 -4.19
CA VAL B 24 -9.16 14.98 -3.47
C VAL B 24 -9.73 13.59 -3.19
N LEU B 25 -9.82 12.74 -4.22
CA LEU B 25 -10.37 11.39 -4.09
C LEU B 25 -9.51 10.45 -3.22
N GLU B 26 -8.18 10.67 -3.20
CA GLU B 26 -7.19 9.94 -2.40
C GLU B 26 -7.44 10.18 -0.90
N TYR B 27 -7.69 11.45 -0.55
CA TYR B 27 -7.98 11.88 0.81
C TYR B 27 -9.38 11.44 1.20
N GLY B 28 -10.33 11.61 0.28
CA GLY B 28 -11.74 11.29 0.50
C GLY B 28 -12.07 9.84 0.77
N GLU B 29 -11.13 8.91 0.46
CA GLU B 29 -11.29 7.47 0.62
C GLU B 29 -11.64 6.99 2.05
N ASN B 30 -10.80 7.35 3.04
CA ASN B 30 -11.05 6.97 4.44
C ASN B 30 -12.14 7.78 5.16
N VAL B 31 -12.95 8.55 4.40
CA VAL B 31 -14.06 9.37 4.89
C VAL B 31 -15.33 9.16 4.03
N ASP B 32 -15.30 8.11 3.17
CA ASP B 32 -16.38 7.67 2.28
C ASP B 32 -16.82 8.75 1.24
N GLN B 33 -15.85 9.56 0.76
CA GLN B 33 -16.02 10.64 -0.21
C GLN B 33 -16.98 11.76 0.24
N GLU B 34 -17.06 11.94 1.57
CA GLU B 34 -17.87 12.94 2.24
C GLU B 34 -16.91 14.04 2.72
N LEU B 35 -16.79 15.12 1.92
CA LEU B 35 -15.89 16.25 2.14
C LEU B 35 -16.61 17.59 1.92
N LEU B 36 -16.20 18.64 2.62
CA LEU B 36 -16.78 19.99 2.45
C LEU B 36 -16.13 20.69 1.26
N LEU B 37 -16.84 21.62 0.58
CA LEU B 37 -16.30 22.36 -0.56
C LEU B 37 -15.01 23.11 -0.27
N GLY B 38 -14.92 23.71 0.92
CA GLY B 38 -13.73 24.42 1.38
C GLY B 38 -12.55 23.49 1.55
N ASP B 39 -12.81 22.22 1.94
CA ASP B 39 -11.79 21.19 2.10
C ASP B 39 -11.35 20.68 0.73
N ILE B 40 -12.31 20.45 -0.20
CA ILE B 40 -12.02 20.04 -1.58
C ILE B 40 -11.07 21.06 -2.22
N ALA B 41 -11.36 22.37 -2.05
CA ALA B 41 -10.55 23.48 -2.57
C ALA B 41 -9.14 23.46 -2.00
N ASP B 42 -9.02 23.09 -0.71
CA ASP B 42 -7.77 23.00 0.01
C ASP B 42 -6.94 21.78 -0.42
N ILE B 43 -7.47 20.56 -0.25
CA ILE B 43 -6.86 19.27 -0.60
C ILE B 43 -6.34 19.23 -2.05
N SER B 44 -7.12 19.77 -3.01
CA SER B 44 -6.77 19.84 -4.44
C SER B 44 -5.42 20.50 -4.73
N GLY B 45 -5.05 21.49 -3.93
CA GLY B 45 -3.82 22.24 -4.09
C GLY B 45 -3.84 23.22 -5.24
N CYS B 46 -5.04 23.69 -5.64
CA CYS B 46 -5.20 24.66 -6.72
C CYS B 46 -4.71 26.04 -6.27
N ARG B 47 -4.22 26.84 -7.24
CA ARG B 47 -3.67 28.18 -7.06
C ARG B 47 -4.60 29.11 -6.26
N ASN B 48 -5.82 29.39 -6.79
CA ASN B 48 -6.77 30.20 -6.07
C ASN B 48 -8.05 29.46 -5.76
N PRO B 49 -8.13 29.01 -4.49
CA PRO B 49 -9.33 28.28 -4.02
C PRO B 49 -10.63 29.07 -4.15
N ALA B 50 -10.57 30.40 -3.94
CA ALA B 50 -11.72 31.30 -4.06
C ALA B 50 -12.24 31.36 -5.50
N VAL B 51 -11.33 31.29 -6.48
CA VAL B 51 -11.67 31.27 -7.92
C VAL B 51 -12.37 29.95 -8.26
N PHE B 52 -11.84 28.80 -7.78
CA PHE B 52 -12.45 27.48 -8.03
C PHE B 52 -13.89 27.45 -7.48
N GLU B 54 -15.89 29.98 -6.69
CA GLU B 54 -16.77 30.88 -7.45
C GLU B 54 -17.27 30.22 -8.73
N ARG B 55 -16.38 29.53 -9.45
CA ARG B 55 -16.68 28.81 -10.69
C ARG B 55 -17.65 27.66 -10.42
N TYR B 56 -17.50 26.96 -9.26
CA TYR B 56 -18.37 25.86 -8.84
C TYR B 56 -19.80 26.38 -8.59
N PHE B 57 -19.92 27.52 -7.87
CA PHE B 57 -21.20 28.15 -7.56
C PHE B 57 -21.93 28.71 -8.76
N GLN B 58 -21.19 29.20 -9.79
CA GLN B 58 -21.79 29.75 -11.01
C GLN B 58 -22.40 28.67 -11.92
N ILE B 59 -22.04 27.39 -11.72
CA ILE B 59 -22.53 26.26 -12.51
C ILE B 59 -24.03 26.05 -12.38
N ASP B 60 -24.74 26.06 -13.53
CA ASP B 60 -26.17 25.79 -13.61
C ASP B 60 -26.30 24.26 -13.59
N ASP B 61 -26.62 23.70 -12.42
CA ASP B 61 -26.78 22.26 -12.19
C ASP B 61 -27.75 21.57 -13.12
N ALA B 62 -28.84 22.26 -13.52
CA ALA B 62 -29.86 21.73 -14.43
C ALA B 62 -29.28 21.50 -15.83
N HIS B 63 -28.53 22.47 -16.31
CA HIS B 63 -27.87 22.43 -17.60
C HIS B 63 -26.66 21.51 -17.71
N LEU B 64 -25.91 21.36 -16.63
CA LEU B 64 -24.78 20.44 -16.50
C LEU B 64 -25.23 19.00 -16.30
N SER B 65 -26.34 18.77 -15.58
CA SER B 65 -26.86 17.41 -15.35
C SER B 65 -27.36 16.78 -16.64
N LYS B 66 -27.88 17.61 -17.56
CA LYS B 66 -28.35 17.18 -18.87
C LYS B 66 -27.15 16.75 -19.72
N GLU B 67 -26.08 17.58 -19.71
CA GLU B 67 -24.80 17.38 -20.40
C GLU B 67 -24.10 16.10 -19.92
N PHE B 68 -23.94 15.95 -18.58
CA PHE B 68 -23.33 14.78 -17.93
C PHE B 68 -24.06 13.46 -18.24
N GLN B 69 -25.40 13.51 -18.32
CA GLN B 69 -26.22 12.32 -18.55
C GLN B 69 -26.41 11.90 -20.03
N LYS B 70 -25.98 12.76 -21.01
CA LYS B 70 -26.08 12.49 -22.46
C LYS B 70 -25.47 11.13 -22.83
N PHE B 71 -24.29 10.80 -22.25
CA PHE B 71 -23.62 9.51 -22.43
C PHE B 71 -23.31 8.95 -21.05
N PRO B 72 -23.46 7.61 -20.83
CA PRO B 72 -23.15 7.05 -19.50
C PRO B 72 -21.68 7.19 -19.13
N SER B 73 -21.33 6.91 -17.87
CA SER B 73 -19.96 7.06 -17.39
C SER B 73 -19.65 6.14 -16.22
N PHE B 74 -18.37 6.10 -15.86
CA PHE B 74 -17.81 5.39 -14.70
C PHE B 74 -16.55 6.13 -14.27
N SER B 75 -16.24 6.05 -12.98
CA SER B 75 -15.09 6.76 -12.42
C SER B 75 -14.11 5.81 -11.74
N ILE B 76 -12.96 6.35 -11.30
CA ILE B 76 -11.93 5.62 -10.57
C ILE B 76 -12.47 5.07 -9.21
N LEU B 77 -13.66 5.54 -8.77
CA LEU B 77 -14.32 5.11 -7.53
C LEU B 77 -15.13 3.84 -7.73
N ASP B 78 -15.59 3.62 -8.98
CA ASP B 78 -16.41 2.46 -9.37
C ASP B 78 -15.63 1.16 -9.49
N ASP B 79 -16.30 0.04 -9.17
CA ASP B 79 -15.78 -1.34 -9.18
C ASP B 79 -15.37 -1.79 -10.58
N CYS B 80 -16.08 -1.33 -11.61
CA CYS B 80 -15.82 -1.69 -13.00
C CYS B 80 -14.54 -1.08 -13.58
N TYR B 81 -14.00 -0.02 -12.93
CA TYR B 81 -12.79 0.64 -13.40
C TYR B 81 -11.64 -0.39 -13.43
N PRO B 82 -11.03 -0.65 -14.61
CA PRO B 82 -9.98 -1.68 -14.68
C PRO B 82 -8.70 -1.37 -13.95
N TRP B 83 -8.17 -2.40 -13.27
CA TRP B 83 -6.96 -2.44 -12.46
C TRP B 83 -5.74 -1.85 -13.15
N ASP B 84 -5.43 -2.31 -14.37
CA ASP B 84 -4.25 -1.87 -15.12
C ASP B 84 -4.26 -0.38 -15.34
N LEU B 85 -5.44 0.19 -15.60
CA LEU B 85 -5.57 1.61 -15.87
C LEU B 85 -5.37 2.47 -14.61
N SER B 86 -5.79 1.97 -13.44
CA SER B 86 -5.64 2.69 -12.17
C SER B 86 -4.17 2.84 -11.73
N GLU B 87 -3.30 1.94 -12.20
CA GLU B 87 -1.88 1.91 -11.85
C GLU B 87 -1.01 2.95 -12.59
N ILE B 88 -1.53 3.57 -13.65
CA ILE B 88 -0.75 4.53 -14.42
C ILE B 88 -0.66 5.89 -13.76
N TYR B 89 0.34 6.68 -14.17
CA TYR B 89 0.49 8.04 -13.71
C TYR B 89 -0.62 8.85 -14.40
N ASP B 90 -1.34 9.69 -13.63
CA ASP B 90 -2.45 10.52 -14.10
C ASP B 90 -3.61 9.70 -14.70
N ALA B 91 -3.98 8.59 -14.03
CA ALA B 91 -5.08 7.73 -14.44
C ALA B 91 -6.37 8.56 -14.64
N PRO B 92 -7.12 8.36 -15.77
CA PRO B 92 -8.34 9.16 -15.96
C PRO B 92 -9.28 9.01 -14.76
N VAL B 93 -9.69 10.13 -14.20
CA VAL B 93 -10.56 10.16 -13.02
C VAL B 93 -12.03 9.82 -13.36
N LEU B 94 -12.48 10.18 -14.57
CA LEU B 94 -13.83 9.92 -15.07
C LEU B 94 -13.77 9.63 -16.57
N LEU B 95 -14.48 8.57 -17.02
CA LEU B 95 -14.57 8.16 -18.43
C LEU B 95 -16.01 7.97 -18.87
N PHE B 96 -16.37 8.61 -19.98
CA PHE B 96 -17.68 8.47 -20.61
C PHE B 96 -17.56 7.34 -21.63
N TYR B 97 -18.62 6.55 -21.81
CA TYR B 97 -18.60 5.42 -22.74
C TYR B 97 -19.89 5.25 -23.57
N LYS B 98 -19.81 4.43 -24.63
CA LYS B 98 -20.90 4.07 -25.54
C LYS B 98 -20.63 2.64 -25.97
N GLY B 99 -21.32 1.68 -25.36
CA GLY B 99 -21.15 0.26 -25.63
C GLY B 99 -21.27 -0.63 -24.42
N ASN B 100 -20.71 -1.83 -24.51
CA ASN B 100 -20.74 -2.86 -23.48
C ASN B 100 -19.49 -2.81 -22.59
N LEU B 101 -19.68 -2.49 -21.29
CA LEU B 101 -18.60 -2.42 -20.31
C LEU B 101 -17.98 -3.78 -19.97
N ASP B 102 -18.64 -4.89 -20.39
CA ASP B 102 -18.19 -6.28 -20.17
C ASP B 102 -16.83 -6.57 -20.86
N LEU B 103 -16.48 -5.79 -21.91
CA LEU B 103 -15.22 -5.88 -22.67
C LEU B 103 -14.01 -5.52 -21.81
N LEU B 104 -14.21 -4.71 -20.75
CA LEU B 104 -13.15 -4.29 -19.82
C LEU B 104 -12.74 -5.44 -18.89
N LYS B 105 -13.51 -6.53 -18.85
CA LYS B 105 -13.23 -7.69 -18.00
C LYS B 105 -12.29 -8.73 -18.66
N PHE B 106 -12.14 -8.66 -19.99
CA PHE B 106 -11.31 -9.60 -20.76
C PHE B 106 -9.87 -9.10 -21.01
N PRO B 107 -8.87 -10.01 -21.28
CA PRO B 107 -7.49 -9.55 -21.53
C PRO B 107 -7.40 -8.67 -22.78
N LYS B 108 -6.66 -7.55 -22.69
CA LYS B 108 -6.55 -6.55 -23.74
C LYS B 108 -5.12 -6.31 -24.25
N VAL B 109 -5.00 -5.98 -25.55
CA VAL B 109 -3.74 -5.65 -26.21
C VAL B 109 -3.92 -4.37 -27.01
N ALA B 110 -2.99 -3.44 -26.88
CA ALA B 110 -3.02 -2.18 -27.61
C ALA B 110 -2.34 -2.34 -28.98
N VAL B 111 -2.78 -1.57 -29.99
CA VAL B 111 -2.22 -1.60 -31.33
C VAL B 111 -2.07 -0.14 -31.78
N VAL B 112 -0.82 0.28 -32.04
CA VAL B 112 -0.50 1.66 -32.44
C VAL B 112 0.39 1.68 -33.70
N GLY B 113 0.40 2.82 -34.38
CA GLY B 113 1.22 3.01 -35.57
C GLY B 113 0.85 4.21 -36.43
N SER B 114 1.60 4.37 -37.54
CA SER B 114 1.49 5.44 -38.54
C SER B 114 0.05 5.81 -38.94
N ARG B 115 -0.22 7.13 -38.92
CA ARG B 115 -1.48 7.73 -39.33
C ARG B 115 -1.61 7.57 -40.86
N ALA B 116 -0.47 7.67 -41.58
CA ALA B 116 -0.38 7.48 -43.04
C ALA B 116 0.38 6.16 -43.36
N CYS B 117 -0.26 5.01 -43.09
CA CYS B 117 0.31 3.67 -43.24
C CYS B 117 0.31 3.07 -44.65
N SER B 118 1.33 2.22 -44.94
CA SER B 118 1.45 1.55 -46.23
C SER B 118 0.53 0.34 -46.26
N LYS B 119 0.23 -0.20 -47.46
CA LYS B 119 -0.62 -1.38 -47.65
C LYS B 119 0.06 -2.61 -47.00
N GLN B 120 1.40 -2.56 -46.93
CA GLN B 120 2.27 -3.57 -46.35
C GLN B 120 1.99 -3.60 -44.84
N GLY B 121 2.13 -2.42 -44.24
CA GLY B 121 1.91 -2.16 -42.82
C GLY B 121 0.58 -2.68 -42.31
N ALA B 122 -0.52 -2.36 -43.05
CA ALA B 122 -1.87 -2.81 -42.72
C ALA B 122 -2.02 -4.32 -42.78
N LYS B 123 -1.38 -4.98 -43.75
CA LYS B 123 -1.44 -6.44 -43.85
C LYS B 123 -0.71 -7.10 -42.69
N SER B 124 0.41 -6.50 -42.28
CA SER B 124 1.24 -7.01 -41.19
C SER B 124 0.42 -7.07 -39.90
N VAL B 125 -0.33 -5.97 -39.60
CA VAL B 125 -1.21 -5.84 -38.43
C VAL B 125 -2.31 -6.91 -38.49
N GLU B 126 -2.96 -7.04 -39.65
CA GLU B 126 -3.99 -8.06 -39.84
C GLU B 126 -3.46 -9.46 -39.56
N LYS B 127 -2.32 -9.79 -40.17
CA LYS B 127 -1.69 -11.10 -40.01
C LYS B 127 -1.46 -11.43 -38.53
N VAL B 128 -0.84 -10.48 -37.79
CA VAL B 128 -0.56 -10.62 -36.35
C VAL B 128 -1.88 -10.79 -35.56
N ILE B 129 -2.91 -9.97 -35.86
CA ILE B 129 -4.20 -10.06 -35.18
C ILE B 129 -4.92 -11.40 -35.42
N GLN B 130 -4.93 -11.87 -36.68
CA GLN B 130 -5.52 -13.18 -36.97
C GLN B 130 -4.88 -14.28 -36.12
N GLY B 131 -3.56 -14.27 -36.05
CA GLY B 131 -2.79 -15.24 -35.29
C GLY B 131 -3.05 -15.23 -33.80
N LEU B 132 -3.69 -14.13 -33.29
CA LEU B 132 -4.04 -13.99 -31.87
C LEU B 132 -5.20 -14.92 -31.48
N GLU B 133 -5.97 -15.38 -32.49
CA GLU B 133 -7.09 -16.32 -32.38
C GLU B 133 -8.16 -15.85 -31.38
N ASN B 134 -8.50 -14.54 -31.46
CA ASN B 134 -9.49 -13.86 -30.62
C ASN B 134 -9.31 -14.03 -29.10
N GLU B 135 -8.06 -14.30 -28.67
CA GLU B 135 -7.72 -14.47 -27.26
C GLU B 135 -7.65 -13.11 -26.54
N LEU B 136 -7.43 -12.01 -27.30
CA LEU B 136 -7.28 -10.66 -26.75
C LEU B 136 -8.21 -9.64 -27.38
N VAL B 137 -8.65 -8.68 -26.56
CA VAL B 137 -9.47 -7.55 -27.00
C VAL B 137 -8.50 -6.54 -27.61
N ILE B 138 -8.78 -6.08 -28.84
CA ILE B 138 -7.94 -5.13 -29.56
C ILE B 138 -8.28 -3.72 -29.14
N VAL B 139 -7.36 -3.05 -28.43
CA VAL B 139 -7.55 -1.66 -28.00
C VAL B 139 -6.77 -0.72 -28.90
N SER B 140 -7.45 0.26 -29.50
CA SER B 140 -6.82 1.25 -30.37
C SER B 140 -7.59 2.58 -30.34
N GLY B 141 -7.08 3.61 -31.00
CA GLY B 141 -7.63 4.95 -30.98
C GLY B 141 -8.41 5.49 -32.15
N LEU B 142 -8.94 4.60 -33.02
CA LEU B 142 -9.80 4.96 -34.16
C LEU B 142 -9.23 5.94 -35.21
N ALA B 143 -7.97 6.42 -35.07
CA ALA B 143 -7.38 7.35 -36.04
C ALA B 143 -7.06 6.64 -37.38
N LYS B 144 -6.82 7.42 -38.46
CA LYS B 144 -6.51 6.85 -39.77
C LYS B 144 -5.15 6.14 -39.74
N GLY B 145 -5.00 5.11 -40.57
CA GLY B 145 -3.77 4.33 -40.66
C GLY B 145 -3.92 2.96 -40.08
N ILE B 146 -2.95 2.53 -39.24
CA ILE B 146 -3.02 1.18 -38.65
C ILE B 146 -4.05 1.00 -37.54
N ASP B 147 -4.46 2.10 -36.84
CA ASP B 147 -5.53 2.02 -35.83
C ASP B 147 -6.81 1.43 -36.48
N THR B 148 -7.22 1.99 -37.66
CA THR B 148 -8.37 1.48 -38.41
C THR B 148 -8.20 0.00 -38.78
N ALA B 149 -7.01 -0.36 -39.34
CA ALA B 149 -6.68 -1.74 -39.74
C ALA B 149 -6.76 -2.73 -38.59
N ALA B 150 -6.39 -2.29 -37.37
CA ALA B 150 -6.41 -3.13 -36.17
C ALA B 150 -7.85 -3.38 -35.68
N HIS B 151 -8.72 -2.35 -35.76
CA HIS B 151 -10.13 -2.45 -35.39
C HIS B 151 -10.84 -3.43 -36.33
N ALA B 153 -9.61 -5.72 -38.43
CA ALA B 153 -9.07 -7.08 -38.30
C ALA B 153 -9.66 -7.88 -37.12
N ALA B 154 -9.89 -7.22 -35.96
CA ALA B 154 -10.47 -7.89 -34.78
C ALA B 154 -11.95 -8.19 -35.01
N LEU B 155 -12.64 -7.28 -35.74
CA LEU B 155 -14.05 -7.42 -36.07
C LEU B 155 -14.27 -8.59 -37.03
N GLN B 156 -13.47 -8.63 -38.12
CA GLN B 156 -13.52 -9.68 -39.14
C GLN B 156 -13.16 -11.05 -38.57
N ASN B 157 -12.26 -11.11 -37.60
CA ASN B 157 -11.88 -12.39 -36.97
C ASN B 157 -12.95 -12.92 -35.99
N GLY B 158 -14.02 -12.15 -35.77
CA GLY B 158 -15.14 -12.52 -34.89
C GLY B 158 -14.83 -12.39 -33.41
N GLY B 159 -13.96 -11.43 -33.07
CA GLY B 159 -13.57 -11.14 -31.70
C GLY B 159 -14.25 -9.88 -31.18
N LYS B 160 -13.52 -9.11 -30.35
CA LYS B 160 -14.04 -7.86 -29.75
C LYS B 160 -12.98 -6.75 -29.65
N THR B 161 -13.38 -5.50 -29.93
CA THR B 161 -12.49 -4.33 -29.93
C THR B 161 -12.94 -3.13 -29.01
N ILE B 162 -11.97 -2.33 -28.50
CA ILE B 162 -12.22 -1.13 -27.70
C ILE B 162 -11.57 0.04 -28.40
N ALA B 163 -12.34 1.10 -28.62
CA ALA B 163 -11.82 2.32 -29.20
C ALA B 163 -11.80 3.38 -28.07
N VAL B 164 -10.75 4.21 -28.04
CA VAL B 164 -10.61 5.30 -27.08
C VAL B 164 -10.32 6.53 -27.90
N ILE B 165 -11.14 7.59 -27.75
CA ILE B 165 -11.10 8.76 -28.64
C ILE B 165 -10.70 10.12 -28.05
N GLY B 166 -10.30 11.05 -28.92
CA GLY B 166 -9.83 12.38 -28.55
C GLY B 166 -10.85 13.49 -28.74
N THR B 167 -12.14 13.13 -28.80
CA THR B 167 -13.28 14.04 -28.98
C THR B 167 -14.43 13.58 -28.05
N GLY B 168 -15.55 14.33 -28.03
CA GLY B 168 -16.74 13.95 -27.29
C GLY B 168 -17.41 12.80 -28.01
N LEU B 169 -18.05 11.84 -27.29
CA LEU B 169 -18.68 10.65 -27.88
C LEU B 169 -19.70 10.89 -29.02
N ASP B 170 -20.06 12.15 -29.26
CA ASP B 170 -20.98 12.60 -30.31
C ASP B 170 -20.23 13.20 -31.50
N VAL B 171 -18.98 13.61 -31.29
CA VAL B 171 -18.08 14.11 -32.34
C VAL B 171 -17.37 12.87 -32.94
N PHE B 172 -17.12 12.89 -34.26
CA PHE B 172 -16.46 11.80 -34.98
C PHE B 172 -15.14 12.24 -35.61
N TYR B 173 -14.05 11.51 -35.26
CA TYR B 173 -12.69 11.78 -35.74
C TYR B 173 -11.86 10.49 -35.91
N PRO B 174 -11.24 10.27 -37.10
CA PRO B 174 -11.36 11.10 -38.32
C PRO B 174 -12.74 10.92 -38.96
N LYS B 175 -13.26 12.01 -39.54
CA LYS B 175 -14.59 12.12 -40.17
C LYS B 175 -15.04 10.88 -40.94
N ALA B 176 -14.10 10.19 -41.63
CA ALA B 176 -14.37 8.98 -42.40
C ALA B 176 -14.79 7.76 -41.54
N ASN B 177 -14.41 7.73 -40.25
CA ASN B 177 -14.70 6.58 -39.36
C ASN B 177 -16.03 6.57 -38.61
N LYS B 178 -16.93 7.55 -38.92
CA LYS B 178 -18.27 7.71 -38.34
C LYS B 178 -19.03 6.38 -38.16
N ARG B 179 -19.05 5.54 -39.21
CA ARG B 179 -19.73 4.24 -39.24
C ARG B 179 -19.07 3.25 -38.28
N LEU B 180 -17.72 3.18 -38.34
CA LEU B 180 -16.91 2.30 -37.50
C LEU B 180 -17.00 2.70 -36.02
N GLN B 181 -17.01 4.02 -35.72
CA GLN B 181 -17.17 4.51 -34.35
C GLN B 181 -18.55 4.14 -33.80
N ASP B 182 -19.60 4.32 -34.64
CA ASP B 182 -20.98 3.99 -34.33
C ASP B 182 -21.15 2.51 -34.09
N TYR B 183 -20.52 1.64 -34.92
CA TYR B 183 -20.61 0.17 -34.80
C TYR B 183 -20.04 -0.38 -33.49
N ILE B 184 -18.76 -0.03 -33.17
CA ILE B 184 -18.05 -0.45 -31.95
C ILE B 184 -18.83 0.11 -30.76
N GLY B 185 -19.39 1.31 -30.94
CA GLY B 185 -20.25 2.01 -29.98
C GLY B 185 -21.54 1.29 -29.60
N ASN B 186 -21.92 0.22 -30.35
CA ASN B 186 -23.13 -0.56 -30.08
C ASN B 186 -22.80 -1.95 -29.52
N ASP B 187 -22.09 -2.76 -30.32
CA ASP B 187 -21.74 -4.14 -29.97
C ASP B 187 -20.48 -4.30 -29.11
N HIS B 188 -19.57 -3.31 -29.17
CA HIS B 188 -18.30 -3.38 -28.44
C HIS B 188 -18.14 -2.26 -27.37
N LEU B 189 -17.14 -1.32 -27.52
CA LEU B 189 -16.90 -0.22 -26.56
C LEU B 189 -16.12 0.94 -27.13
N VAL B 190 -16.62 2.16 -26.94
CA VAL B 190 -15.94 3.40 -27.29
C VAL B 190 -15.80 4.20 -25.97
N LEU B 191 -14.55 4.57 -25.56
CA LEU B 191 -14.25 5.33 -24.34
C LEU B 191 -13.75 6.74 -24.64
N SER B 192 -14.08 7.71 -23.76
CA SER B 192 -13.65 9.12 -23.88
C SER B 192 -13.63 9.84 -22.53
N GLU B 193 -12.68 10.77 -22.37
CA GLU B 193 -12.52 11.60 -21.17
C GLU B 193 -13.26 12.92 -21.40
N TYR B 194 -13.61 13.19 -22.66
CA TYR B 194 -14.23 14.42 -23.12
C TYR B 194 -15.74 14.36 -23.17
N GLY B 195 -16.36 15.43 -22.71
CA GLY B 195 -17.81 15.57 -22.65
C GLY B 195 -18.43 15.88 -24.00
N PRO B 196 -19.77 15.99 -24.06
CA PRO B 196 -20.44 16.26 -25.34
C PRO B 196 -19.97 17.50 -26.11
N GLY B 197 -19.79 17.32 -27.42
CA GLY B 197 -19.38 18.37 -28.34
C GLY B 197 -17.93 18.84 -28.30
N GLU B 198 -17.07 18.15 -27.53
CA GLU B 198 -15.64 18.50 -27.45
C GLU B 198 -14.91 18.13 -28.75
N GLN B 199 -14.14 19.09 -29.27
CA GLN B 199 -13.44 19.03 -30.55
C GLN B 199 -12.07 18.32 -30.57
N PRO B 200 -11.61 17.79 -31.75
CA PRO B 200 -10.29 17.13 -31.82
C PRO B 200 -9.09 18.08 -31.67
N LEU B 201 -8.91 18.65 -30.47
CA LEU B 201 -7.80 19.54 -30.14
C LEU B 201 -6.51 18.72 -30.08
N LYS B 202 -5.40 19.29 -30.60
CA LYS B 202 -4.09 18.62 -30.68
C LYS B 202 -3.68 17.82 -29.44
N PHE B 203 -3.71 18.46 -28.25
CA PHE B 203 -3.32 17.86 -26.97
C PHE B 203 -4.17 16.66 -26.49
N HIS B 204 -5.37 16.48 -27.05
CA HIS B 204 -6.27 15.39 -26.68
C HIS B 204 -5.72 14.02 -27.10
N PHE B 205 -4.95 13.98 -28.20
CA PHE B 205 -4.38 12.76 -28.75
C PHE B 205 -3.25 12.11 -27.95
N PRO B 206 -2.15 12.84 -27.55
CA PRO B 206 -1.17 12.24 -26.64
C PRO B 206 -1.81 11.81 -25.30
N ALA B 207 -2.81 12.58 -24.82
CA ALA B 207 -3.56 12.32 -23.58
C ALA B 207 -4.36 11.01 -23.66
N ARG B 208 -5.08 10.83 -24.77
CA ARG B 208 -5.88 9.67 -25.15
C ARG B 208 -4.98 8.41 -25.21
N ASN B 209 -3.74 8.56 -25.75
CA ASN B 209 -2.74 7.48 -25.89
C ASN B 209 -2.33 6.84 -24.57
N ARG B 210 -2.28 7.64 -23.50
CA ARG B 210 -1.98 7.25 -22.12
C ARG B 210 -3.00 6.18 -21.65
N ILE B 211 -4.29 6.36 -22.02
CA ILE B 211 -5.41 5.45 -21.70
C ILE B 211 -5.29 4.15 -22.53
N ILE B 212 -5.03 4.26 -23.86
CA ILE B 212 -4.83 3.10 -24.76
C ILE B 212 -3.77 2.16 -24.16
N ALA B 213 -2.60 2.72 -23.82
CA ALA B 213 -1.50 1.98 -23.23
C ALA B 213 -1.85 1.46 -21.84
N GLY B 214 -2.38 2.34 -20.99
CA GLY B 214 -2.75 2.03 -19.60
C GLY B 214 -3.75 0.91 -19.41
N LEU B 215 -4.70 0.79 -20.34
CA LEU B 215 -5.73 -0.25 -20.35
C LEU B 215 -5.15 -1.66 -20.55
N CYS B 216 -4.01 -1.78 -21.26
CA CYS B 216 -3.42 -3.07 -21.66
C CYS B 216 -2.12 -3.47 -21.03
N ARG B 217 -1.85 -4.78 -21.04
CA ARG B 217 -0.58 -5.30 -20.56
C ARG B 217 0.53 -5.12 -21.62
N GLY B 218 0.15 -5.21 -22.88
CA GLY B 218 1.09 -5.07 -23.99
C GLY B 218 0.62 -4.15 -25.09
N VAL B 219 1.58 -3.59 -25.84
CA VAL B 219 1.33 -2.70 -26.97
C VAL B 219 2.00 -3.26 -28.23
N ILE B 220 1.24 -3.39 -29.34
CA ILE B 220 1.71 -3.85 -30.64
C ILE B 220 1.98 -2.63 -31.53
N VAL B 221 3.22 -2.48 -32.03
CA VAL B 221 3.65 -1.39 -32.92
C VAL B 221 3.87 -1.90 -34.31
N ALA B 222 3.53 -1.05 -35.29
CA ALA B 222 3.70 -1.31 -36.70
C ALA B 222 3.84 0.02 -37.38
N GLU B 223 4.91 0.16 -38.19
CA GLU B 223 5.23 1.35 -38.96
C GLU B 223 5.30 2.62 -38.13
N ALA B 224 6.12 2.59 -37.09
CA ALA B 224 6.39 3.75 -36.23
C ALA B 224 7.70 4.42 -36.71
N LYS B 225 7.77 5.75 -36.74
CA LYS B 225 8.97 6.52 -37.14
C LYS B 225 9.80 7.04 -35.95
N ARG B 227 10.47 9.83 -34.34
CA ARG B 227 9.98 10.92 -33.49
C ARG B 227 8.45 11.07 -33.71
N SER B 228 7.77 9.92 -33.86
CA SER B 228 6.35 9.79 -34.12
C SER B 228 5.54 9.66 -32.82
N GLY B 229 4.22 9.77 -32.95
CA GLY B 229 3.30 9.62 -31.83
C GLY B 229 3.25 8.21 -31.29
N SER B 230 3.32 7.20 -32.20
CA SER B 230 3.30 5.77 -31.86
C SER B 230 4.52 5.38 -31.01
N LEU B 231 5.70 5.93 -31.35
CA LEU B 231 6.95 5.70 -30.63
C LEU B 231 6.85 6.25 -29.20
N ILE B 232 6.29 7.47 -29.05
CA ILE B 232 6.08 8.14 -27.77
C ILE B 232 5.16 7.29 -26.85
N THR B 233 4.07 6.73 -27.43
CA THR B 233 3.12 5.84 -26.73
C THR B 233 3.85 4.59 -26.20
N CYS B 234 4.73 3.99 -27.02
CA CYS B 234 5.52 2.79 -26.68
C CYS B 234 6.58 3.05 -25.64
N GLU B 235 7.30 4.17 -25.78
CA GLU B 235 8.32 4.59 -24.83
C GLU B 235 7.66 4.84 -23.46
N ARG B 236 6.46 5.49 -23.43
CA ARG B 236 5.68 5.72 -22.21
C ARG B 236 5.08 4.42 -21.64
N ALA B 237 4.74 3.43 -22.52
CA ALA B 237 4.21 2.12 -22.11
C ALA B 237 5.32 1.28 -21.45
N GLU B 239 7.86 2.59 -19.84
CA GLU B 239 8.07 3.28 -18.56
C GLU B 239 7.03 2.81 -17.53
N GLU B 240 5.83 2.40 -17.99
CA GLU B 240 4.75 1.89 -17.13
C GLU B 240 4.90 0.38 -16.85
N GLY B 241 5.98 -0.23 -17.36
CA GLY B 241 6.29 -1.65 -17.20
C GLY B 241 5.49 -2.58 -18.09
N ARG B 242 4.92 -2.05 -19.19
CA ARG B 242 4.13 -2.83 -20.15
C ARG B 242 5.01 -3.36 -21.28
N ASP B 243 4.67 -4.54 -21.82
CA ASP B 243 5.42 -5.15 -22.93
C ASP B 243 5.15 -4.43 -24.24
N VAL B 244 6.20 -4.26 -25.05
CA VAL B 244 6.11 -3.67 -26.39
C VAL B 244 6.42 -4.79 -27.40
N PHE B 245 5.54 -5.00 -28.39
CA PHE B 245 5.69 -6.00 -29.45
C PHE B 245 5.82 -5.24 -30.76
N ALA B 246 7.04 -5.17 -31.31
CA ALA B 246 7.27 -4.44 -32.55
C ALA B 246 7.33 -5.33 -33.79
N ILE B 247 6.60 -4.92 -34.85
CA ILE B 247 6.57 -5.59 -36.14
C ILE B 247 7.67 -4.97 -37.00
N PRO B 248 8.67 -5.77 -37.47
CA PRO B 248 9.74 -5.18 -38.29
C PRO B 248 9.31 -4.88 -39.72
N GLY B 249 10.15 -4.12 -40.42
CA GLY B 249 9.96 -3.75 -41.81
C GLY B 249 11.28 -3.52 -42.52
N SER B 250 11.22 -2.91 -43.71
CA SER B 250 12.38 -2.61 -44.53
C SER B 250 13.21 -1.54 -43.83
N ILE B 251 14.54 -1.59 -43.99
CA ILE B 251 15.45 -0.60 -43.43
C ILE B 251 15.68 0.53 -44.42
N LEU B 252 15.11 0.38 -45.64
CA LEU B 252 15.25 1.30 -46.76
C LEU B 252 14.22 2.44 -46.76
N ASP B 253 12.91 2.11 -46.59
CA ASP B 253 11.79 3.06 -46.63
C ASP B 253 11.67 4.13 -45.55
N GLY B 254 12.10 3.83 -44.32
CA GLY B 254 12.03 4.79 -43.21
C GLY B 254 10.75 4.69 -42.39
N LEU B 255 9.78 3.91 -42.86
CA LEU B 255 8.49 3.67 -42.21
C LEU B 255 8.54 2.88 -40.88
N SER B 256 9.55 2.00 -40.69
CA SER B 256 9.67 1.14 -39.49
C SER B 256 10.90 1.44 -38.57
N ASP B 257 11.52 2.64 -38.71
CA ASP B 257 12.70 3.08 -37.94
C ASP B 257 12.49 3.13 -36.43
N GLY B 258 11.26 3.46 -36.01
CA GLY B 258 10.87 3.53 -34.61
C GLY B 258 10.71 2.15 -34.00
N CYS B 259 10.14 1.20 -34.78
CA CYS B 259 9.95 -0.21 -34.41
C CYS B 259 11.32 -0.84 -34.19
N HIS B 260 12.26 -0.57 -35.11
CA HIS B 260 13.62 -1.09 -35.08
C HIS B 260 14.39 -0.56 -33.89
N HIS B 261 14.23 0.75 -33.59
CA HIS B 261 14.85 1.41 -32.43
C HIS B 261 14.32 0.77 -31.14
N LEU B 262 12.99 0.50 -31.06
CA LEU B 262 12.35 -0.13 -29.91
C LEU B 262 12.88 -1.53 -29.63
N ILE B 263 13.05 -2.36 -30.72
CA ILE B 263 13.59 -3.73 -30.63
C ILE B 263 15.03 -3.68 -30.08
N GLN B 264 15.83 -2.73 -30.57
CA GLN B 264 17.21 -2.52 -30.11
C GLN B 264 17.23 -2.16 -28.62
N GLU B 265 16.25 -1.36 -28.17
CA GLU B 265 16.10 -0.91 -26.78
C GLU B 265 15.47 -1.95 -25.83
N GLY B 266 15.14 -3.13 -26.34
CA GLY B 266 14.60 -4.20 -25.51
C GLY B 266 13.22 -4.74 -25.85
N ALA B 267 12.51 -4.12 -26.82
CA ALA B 267 11.17 -4.60 -27.20
C ALA B 267 11.24 -5.94 -27.93
N LYS B 268 10.14 -6.68 -27.89
CA LYS B 268 10.05 -7.99 -28.52
C LYS B 268 9.70 -7.83 -30.01
N LEU B 269 10.52 -8.44 -30.89
CA LEU B 269 10.26 -8.45 -32.33
C LEU B 269 9.19 -9.52 -32.55
N VAL B 270 8.11 -9.16 -33.24
CA VAL B 270 7.01 -10.11 -33.49
C VAL B 270 6.75 -10.30 -35.00
N THR B 271 6.49 -11.55 -35.40
CA THR B 271 6.21 -11.92 -36.79
C THR B 271 4.81 -12.52 -36.95
N SER B 272 4.20 -12.97 -35.84
CA SER B 272 2.87 -13.58 -35.80
C SER B 272 2.16 -13.28 -34.47
N GLY B 273 0.88 -13.66 -34.40
CA GLY B 273 0.07 -13.55 -33.20
C GLY B 273 0.57 -14.50 -32.14
N GLN B 274 1.13 -15.64 -32.58
CA GLN B 274 1.72 -16.66 -31.72
C GLN B 274 2.93 -16.09 -30.97
N ASP B 275 3.70 -15.20 -31.63
CA ASP B 275 4.87 -14.52 -31.04
C ASP B 275 4.41 -13.61 -29.89
N VAL B 276 3.25 -12.95 -30.06
CA VAL B 276 2.62 -12.08 -29.06
C VAL B 276 2.09 -12.94 -27.88
N LEU B 277 1.30 -14.01 -28.19
CA LEU B 277 0.71 -14.93 -27.21
C LEU B 277 1.73 -15.65 -26.34
N ALA B 278 2.91 -15.98 -26.91
CA ALA B 278 4.00 -16.68 -26.21
C ALA B 278 4.50 -15.91 -24.98
N GLU B 279 4.44 -14.57 -25.03
CA GLU B 279 4.88 -13.67 -23.94
C GLU B 279 3.78 -13.42 -22.90
N PHE B 280 2.53 -13.19 -23.35
CA PHE B 280 1.34 -12.95 -22.53
C PHE B 280 1.12 -14.07 -21.50
N LYS C 2 -20.02 -29.26 24.29
CA LYS C 2 -19.41 -29.61 23.01
C LYS C 2 -18.66 -28.37 22.49
N ILE C 3 -17.33 -28.51 22.30
CA ILE C 3 -16.50 -27.41 21.81
C ILE C 3 -16.65 -27.33 20.29
N THR C 4 -17.44 -26.34 19.83
CA THR C 4 -17.70 -26.03 18.42
C THR C 4 -16.75 -24.90 18.00
N ASN C 5 -16.79 -24.49 16.72
CA ASN C 5 -15.93 -23.41 16.23
C ASN C 5 -16.25 -22.09 16.92
N TYR C 6 -17.55 -21.84 17.20
CA TYR C 6 -18.00 -20.64 17.91
C TYR C 6 -17.43 -20.66 19.33
N GLU C 7 -17.39 -21.85 19.96
CA GLU C 7 -16.87 -22.01 21.33
C GLU C 7 -15.39 -21.76 21.38
N ILE C 8 -14.64 -22.20 20.33
CA ILE C 8 -13.19 -21.94 20.19
C ILE C 8 -12.97 -20.41 20.20
N TYR C 9 -13.74 -19.68 19.38
CA TYR C 9 -13.69 -18.21 19.32
C TYR C 9 -14.03 -17.60 20.68
N LYS C 10 -15.11 -18.13 21.34
CA LYS C 10 -15.56 -17.71 22.67
C LYS C 10 -14.47 -17.93 23.74
N LEU C 11 -13.66 -19.01 23.62
CA LEU C 11 -12.56 -19.32 24.54
C LEU C 11 -11.42 -18.30 24.38
N LYS C 12 -11.14 -17.88 23.12
CA LYS C 12 -10.12 -16.86 22.79
C LYS C 12 -10.56 -15.54 23.42
N LYS C 13 -11.86 -15.22 23.33
CA LYS C 13 -12.47 -14.01 23.86
C LYS C 13 -12.57 -14.00 25.41
N SER C 14 -12.49 -15.19 26.04
CA SER C 14 -12.55 -15.35 27.51
C SER C 14 -11.18 -15.22 28.15
N GLY C 15 -10.15 -15.17 27.30
CA GLY C 15 -8.77 -14.98 27.73
C GLY C 15 -7.82 -16.13 27.50
N LEU C 16 -8.25 -17.17 26.79
CA LEU C 16 -7.38 -18.32 26.51
C LEU C 16 -6.51 -18.08 25.29
N THR C 17 -5.20 -18.34 25.40
CA THR C 17 -4.24 -18.18 24.29
C THR C 17 -4.38 -19.36 23.32
N ASN C 18 -3.88 -19.19 22.07
CA ASN C 18 -3.91 -20.23 21.01
C ASN C 18 -3.25 -21.51 21.54
N GLN C 19 -2.13 -21.36 22.27
CA GLN C 19 -1.37 -22.42 22.90
C GLN C 19 -2.19 -23.15 23.98
N GLN C 20 -3.02 -22.42 24.76
CA GLN C 20 -3.91 -22.96 25.80
C GLN C 20 -5.10 -23.73 25.19
N ILE C 21 -5.68 -23.21 24.09
CA ILE C 21 -6.81 -23.87 23.39
C ILE C 21 -6.33 -25.16 22.71
N LEU C 22 -5.09 -25.18 22.16
CA LEU C 22 -4.51 -26.39 21.56
C LEU C 22 -4.44 -27.51 22.63
N LYS C 23 -3.96 -27.18 23.85
CA LYS C 23 -3.86 -28.08 25.01
C LYS C 23 -5.22 -28.68 25.39
N VAL C 24 -6.29 -27.88 25.31
CA VAL C 24 -7.68 -28.28 25.57
C VAL C 24 -8.15 -29.21 24.47
N LEU C 25 -7.95 -28.83 23.19
CA LEU C 25 -8.40 -29.63 22.04
C LEU C 25 -7.67 -30.95 21.88
N GLU C 26 -6.37 -31.03 22.25
CA GLU C 26 -5.61 -32.28 22.17
C GLU C 26 -6.07 -33.31 23.24
N TYR C 27 -6.53 -32.82 24.42
CA TYR C 27 -7.08 -33.66 25.49
C TYR C 27 -8.52 -34.07 25.09
N GLY C 28 -9.29 -33.13 24.57
CA GLY C 28 -10.69 -33.35 24.17
C GLY C 28 -10.92 -34.29 23.00
N GLU C 29 -9.85 -34.68 22.29
CA GLU C 29 -9.89 -35.56 21.13
C GLU C 29 -10.48 -36.96 21.41
N ASN C 30 -9.94 -37.70 22.40
CA ASN C 30 -10.43 -39.03 22.76
C ASN C 30 -11.77 -39.03 23.55
N VAL C 31 -12.41 -37.85 23.67
CA VAL C 31 -13.67 -37.62 24.38
C VAL C 31 -14.72 -36.95 23.43
N ASP C 32 -14.37 -36.78 22.13
CA ASP C 32 -15.19 -36.18 21.05
C ASP C 32 -15.53 -34.68 21.29
N GLN C 33 -14.58 -33.94 21.91
CA GLN C 33 -14.67 -32.51 22.26
C GLN C 33 -15.82 -32.15 23.20
N GLU C 34 -16.24 -33.13 24.02
CA GLU C 34 -17.28 -32.98 25.04
C GLU C 34 -16.55 -32.94 26.38
N LEU C 35 -16.31 -31.71 26.86
CA LEU C 35 -15.60 -31.41 28.10
C LEU C 35 -16.41 -30.41 28.91
N LEU C 36 -16.27 -30.47 30.23
CA LEU C 36 -16.94 -29.53 31.13
C LEU C 36 -16.12 -28.24 31.21
N LEU C 37 -16.77 -27.08 31.44
CA LEU C 37 -16.08 -25.79 31.55
C LEU C 37 -15.00 -25.76 32.63
N GLY C 38 -15.25 -26.45 33.75
CA GLY C 38 -14.29 -26.57 34.85
C GLY C 38 -13.05 -27.35 34.44
N ASP C 39 -13.23 -28.34 33.55
CA ASP C 39 -12.14 -29.15 33.01
C ASP C 39 -11.36 -28.35 31.97
N ILE C 40 -12.06 -27.60 31.09
CA ILE C 40 -11.45 -26.72 30.08
C ILE C 40 -10.51 -25.73 30.80
N ALA C 41 -10.98 -25.11 31.91
CA ALA C 41 -10.22 -24.17 32.74
C ALA C 41 -8.95 -24.79 33.31
N ASP C 42 -9.01 -26.08 33.71
CA ASP C 42 -7.85 -26.78 34.29
C ASP C 42 -6.86 -27.36 33.28
N ILE C 43 -7.36 -27.98 32.19
CA ILE C 43 -6.53 -28.51 31.11
C ILE C 43 -5.71 -27.39 30.44
N SER C 44 -6.34 -26.22 30.18
CA SER C 44 -5.71 -25.05 29.55
C SER C 44 -4.43 -24.58 30.24
N GLY C 45 -4.39 -24.71 31.57
CA GLY C 45 -3.25 -24.30 32.39
C GLY C 45 -3.14 -22.80 32.55
N CYS C 46 -4.29 -22.08 32.45
CA CYS C 46 -4.33 -20.64 32.61
C CYS C 46 -4.09 -20.24 34.05
N ARG C 47 -3.51 -19.04 34.26
CA ARG C 47 -3.13 -18.51 35.56
C ARG C 47 -4.31 -18.43 36.53
N ASN C 48 -5.44 -17.83 36.12
CA ASN C 48 -6.62 -17.66 36.97
C ASN C 48 -7.86 -18.38 36.41
N PRO C 49 -8.09 -19.68 36.76
CA PRO C 49 -9.25 -20.41 36.19
C PRO C 49 -10.62 -19.82 36.51
N ALA C 50 -10.77 -19.29 37.74
CA ALA C 50 -12.02 -18.69 38.23
C ALA C 50 -12.35 -17.43 37.46
N VAL C 51 -11.31 -16.65 37.08
CA VAL C 51 -11.46 -15.43 36.29
C VAL C 51 -11.88 -15.80 34.85
N PHE C 52 -11.24 -16.82 34.23
CA PHE C 52 -11.58 -17.27 32.88
C PHE C 52 -13.06 -17.64 32.81
N GLU C 54 -15.58 -16.87 34.92
CA GLU C 54 -16.42 -15.69 35.14
C GLU C 54 -16.50 -14.85 33.86
N ARG C 55 -15.36 -14.68 33.14
CA ARG C 55 -15.32 -13.93 31.89
C ARG C 55 -16.15 -14.62 30.82
N TYR C 56 -16.03 -15.97 30.71
CA TYR C 56 -16.79 -16.80 29.77
C TYR C 56 -18.31 -16.54 29.97
N PHE C 57 -18.77 -16.57 31.22
CA PHE C 57 -20.17 -16.33 31.56
C PHE C 57 -20.64 -14.90 31.29
N GLN C 58 -19.74 -13.90 31.41
CA GLN C 58 -20.06 -12.49 31.17
C GLN C 58 -20.19 -12.15 29.67
N ILE C 59 -19.76 -13.05 28.77
CA ILE C 59 -19.83 -12.85 27.32
C ILE C 59 -21.25 -12.79 26.82
N ASP C 60 -21.57 -11.69 26.10
CA ASP C 60 -22.87 -11.49 25.45
C ASP C 60 -22.87 -12.33 24.16
N ASP C 61 -23.45 -13.55 24.23
CA ASP C 61 -23.52 -14.51 23.13
C ASP C 61 -24.15 -13.94 21.87
N ALA C 62 -25.14 -13.03 22.00
CA ALA C 62 -25.83 -12.41 20.86
C ALA C 62 -24.88 -11.51 20.08
N HIS C 63 -24.10 -10.65 20.79
CA HIS C 63 -23.13 -9.72 20.19
C HIS C 63 -21.97 -10.49 19.55
N LEU C 64 -21.43 -11.53 20.25
CA LEU C 64 -20.32 -12.35 19.79
C LEU C 64 -20.68 -13.24 18.61
N SER C 65 -21.92 -13.77 18.57
CA SER C 65 -22.38 -14.63 17.48
C SER C 65 -22.48 -13.84 16.18
N LYS C 66 -22.82 -12.55 16.27
CA LYS C 66 -22.92 -11.66 15.11
C LYS C 66 -21.51 -11.41 14.55
N GLU C 67 -20.53 -11.14 15.45
CA GLU C 67 -19.12 -10.90 15.16
C GLU C 67 -18.48 -12.13 14.50
N PHE C 68 -18.63 -13.32 15.14
CA PHE C 68 -18.11 -14.62 14.67
C PHE C 68 -18.66 -15.00 13.28
N GLN C 69 -19.94 -14.69 13.00
CA GLN C 69 -20.60 -15.06 11.75
C GLN C 69 -20.40 -14.11 10.58
N LYS C 70 -19.82 -12.90 10.81
CA LYS C 70 -19.57 -11.89 9.77
C LYS C 70 -18.80 -12.50 8.57
N PHE C 71 -17.76 -13.30 8.86
CA PHE C 71 -16.97 -14.01 7.86
C PHE C 71 -16.95 -15.50 8.22
N PRO C 72 -17.03 -16.43 7.24
CA PRO C 72 -16.99 -17.86 7.58
C PRO C 72 -15.66 -18.29 8.20
N SER C 73 -15.61 -19.51 8.75
CA SER C 73 -14.39 -20.00 9.40
C SER C 73 -14.29 -21.52 9.38
N PHE C 74 -13.13 -22.03 9.80
CA PHE C 74 -12.82 -23.45 9.98
C PHE C 74 -11.77 -23.54 11.08
N SER C 75 -11.77 -24.66 11.82
CA SER C 75 -10.84 -24.86 12.92
C SER C 75 -9.99 -26.08 12.74
N ILE C 76 -9.02 -26.28 13.65
CA ILE C 76 -8.13 -27.44 13.68
C ILE C 76 -8.90 -28.78 13.86
N LEU C 77 -10.20 -28.70 14.20
CA LEU C 77 -11.07 -29.86 14.39
C LEU C 77 -11.71 -30.32 13.08
N ASP C 78 -11.88 -29.38 12.14
CA ASP C 78 -12.49 -29.63 10.84
C ASP C 78 -11.59 -30.42 9.89
N ASP C 79 -12.22 -31.23 9.01
CA ASP C 79 -11.60 -32.10 8.01
C ASP C 79 -10.81 -31.33 6.98
N CYS C 80 -11.28 -30.11 6.62
CA CYS C 80 -10.66 -29.25 5.63
C CYS C 80 -9.35 -28.61 6.10
N TYR C 81 -9.10 -28.57 7.41
CA TYR C 81 -7.86 -27.99 7.96
C TYR C 81 -6.65 -28.78 7.39
N PRO C 82 -5.75 -28.09 6.65
CA PRO C 82 -4.62 -28.81 6.05
C PRO C 82 -3.63 -29.42 7.06
N TRP C 83 -3.37 -30.75 6.95
CA TRP C 83 -2.50 -31.52 7.86
C TRP C 83 -1.08 -30.94 8.06
N ASP C 84 -0.49 -30.35 7.00
CA ASP C 84 0.84 -29.74 7.06
C ASP C 84 0.87 -28.57 8.03
N LEU C 85 -0.19 -27.73 8.04
CA LEU C 85 -0.34 -26.60 8.96
C LEU C 85 -0.52 -27.09 10.40
N SER C 86 -1.17 -28.26 10.60
CA SER C 86 -1.42 -28.85 11.92
C SER C 86 -0.12 -29.26 12.63
N GLU C 87 0.94 -29.58 11.85
CA GLU C 87 2.23 -30.06 12.33
C GLU C 87 3.17 -28.98 12.89
N ILE C 88 2.86 -27.70 12.66
CA ILE C 88 3.71 -26.62 13.15
C ILE C 88 3.51 -26.34 14.63
N TYR C 89 4.50 -25.70 15.25
CA TYR C 89 4.39 -25.29 16.64
C TYR C 89 3.44 -24.07 16.64
N ASP C 90 2.45 -24.07 17.55
CA ASP C 90 1.45 -23.02 17.70
C ASP C 90 0.56 -22.87 16.45
N ALA C 91 0.11 -24.01 15.90
CA ALA C 91 -0.76 -24.06 14.72
C ALA C 91 -2.02 -23.23 14.98
N PRO C 92 -2.46 -22.36 14.04
CA PRO C 92 -3.67 -21.56 14.30
C PRO C 92 -4.84 -22.47 14.64
N VAL C 93 -5.48 -22.19 15.78
CA VAL C 93 -6.59 -23.00 16.27
C VAL C 93 -7.91 -22.73 15.50
N LEU C 94 -8.08 -21.50 15.01
CA LEU C 94 -9.25 -21.05 14.25
C LEU C 94 -8.81 -20.03 13.19
N LEU C 95 -9.30 -20.20 11.94
CA LEU C 95 -9.02 -19.32 10.80
C LEU C 95 -10.30 -18.87 10.11
N PHE C 96 -10.44 -17.56 9.93
CA PHE C 96 -11.54 -16.94 9.21
C PHE C 96 -11.09 -16.82 7.76
N TYR C 97 -12.03 -16.97 6.80
CA TYR C 97 -11.70 -16.90 5.38
C TYR C 97 -12.73 -16.15 4.53
N LYS C 98 -12.32 -15.82 3.30
CA LYS C 98 -13.16 -15.22 2.26
C LYS C 98 -12.66 -15.79 0.94
N GLY C 99 -13.49 -16.66 0.35
CA GLY C 99 -13.21 -17.30 -0.92
C GLY C 99 -13.49 -18.79 -0.95
N ASN C 100 -12.78 -19.49 -1.85
CA ASN C 100 -12.93 -20.93 -2.10
C ASN C 100 -11.94 -21.77 -1.29
N LEU C 101 -12.47 -22.59 -0.35
CA LEU C 101 -11.68 -23.49 0.49
C LEU C 101 -11.05 -24.64 -0.26
N ASP C 102 -11.49 -24.89 -1.52
CA ASP C 102 -10.96 -25.98 -2.35
C ASP C 102 -9.48 -25.82 -2.66
N LEU C 103 -8.98 -24.58 -2.67
CA LEU C 103 -7.58 -24.24 -2.90
C LEU C 103 -6.65 -24.88 -1.86
N LEU C 104 -7.18 -25.20 -0.66
CA LEU C 104 -6.43 -25.85 0.41
C LEU C 104 -6.18 -27.33 0.13
N LYS C 105 -6.88 -27.90 -0.89
CA LYS C 105 -6.74 -29.31 -1.27
C LYS C 105 -5.59 -29.56 -2.27
N PHE C 106 -5.11 -28.50 -2.94
CA PHE C 106 -4.05 -28.59 -3.94
C PHE C 106 -2.63 -28.34 -3.36
N PRO C 107 -1.54 -28.85 -4.01
CA PRO C 107 -0.18 -28.61 -3.48
C PRO C 107 0.15 -27.12 -3.50
N LYS C 108 0.78 -26.64 -2.41
CA LYS C 108 1.08 -25.21 -2.19
C LYS C 108 2.56 -24.91 -2.01
N VAL C 109 2.98 -23.73 -2.48
CA VAL C 109 4.34 -23.21 -2.33
C VAL C 109 4.28 -21.77 -1.82
N ALA C 110 5.10 -21.46 -0.81
CA ALA C 110 5.16 -20.12 -0.25
C ALA C 110 6.16 -19.27 -1.04
N VAL C 111 5.91 -17.95 -1.14
CA VAL C 111 6.79 -16.99 -1.83
C VAL C 111 6.94 -15.77 -0.93
N VAL C 112 8.18 -15.51 -0.48
CA VAL C 112 8.50 -14.40 0.42
C VAL C 112 9.65 -13.55 -0.14
N GLY C 113 9.75 -12.31 0.32
CA GLY C 113 10.80 -11.40 -0.10
C GLY C 113 10.57 -9.95 0.26
N SER C 114 11.53 -9.10 -0.14
CA SER C 114 11.60 -7.67 0.11
C SER C 114 10.28 -6.91 -0.12
N ARG C 115 9.90 -6.09 0.88
CA ARG C 115 8.71 -5.23 0.83
C ARG C 115 9.01 -4.11 -0.19
N ALA C 116 10.29 -3.67 -0.27
CA ALA C 116 10.78 -2.66 -1.21
C ALA C 116 11.74 -3.32 -2.23
N CYS C 117 11.19 -4.23 -3.06
CA CYS C 117 11.95 -4.99 -4.06
C CYS C 117 12.31 -4.17 -5.31
N SER C 118 13.31 -4.66 -6.08
CA SER C 118 13.77 -4.05 -7.32
C SER C 118 13.00 -4.62 -8.50
N LYS C 119 13.14 -3.96 -9.68
CA LYS C 119 12.51 -4.32 -10.95
C LYS C 119 12.95 -5.72 -11.38
N GLN C 120 14.24 -6.05 -11.19
CA GLN C 120 14.79 -7.37 -11.51
C GLN C 120 14.29 -8.46 -10.55
N GLY C 121 14.19 -8.12 -9.25
CA GLY C 121 13.65 -9.01 -8.21
C GLY C 121 12.27 -9.53 -8.54
N ALA C 122 11.37 -8.62 -8.94
CA ALA C 122 9.99 -8.95 -9.34
C ALA C 122 9.96 -9.83 -10.60
N LYS C 123 10.88 -9.57 -11.58
CA LYS C 123 10.95 -10.35 -12.82
C LYS C 123 11.49 -11.77 -12.55
N SER C 124 12.37 -11.91 -11.53
CA SER C 124 12.94 -13.20 -11.11
C SER C 124 11.84 -14.11 -10.56
N VAL C 125 10.96 -13.55 -9.70
CA VAL C 125 9.83 -14.24 -9.09
C VAL C 125 8.85 -14.68 -10.18
N GLU C 126 8.52 -13.74 -11.11
CA GLU C 126 7.63 -13.98 -12.25
C GLU C 126 8.13 -15.12 -13.14
N LYS C 127 9.45 -15.15 -13.42
CA LYS C 127 10.12 -16.19 -14.23
C LYS C 127 10.00 -17.56 -13.55
N VAL C 128 10.35 -17.65 -12.24
CA VAL C 128 10.27 -18.89 -11.46
C VAL C 128 8.81 -19.40 -11.41
N ILE C 129 7.83 -18.51 -11.15
CA ILE C 129 6.41 -18.86 -11.10
C ILE C 129 5.89 -19.39 -12.45
N GLN C 130 6.27 -18.72 -13.56
CA GLN C 130 5.90 -19.14 -14.92
C GLN C 130 6.36 -20.57 -15.19
N GLY C 131 7.59 -20.89 -14.78
CA GLY C 131 8.20 -22.21 -14.92
C GLY C 131 7.56 -23.30 -14.10
N LEU C 132 6.73 -22.92 -13.09
CA LEU C 132 6.01 -23.87 -12.21
C LEU C 132 4.84 -24.51 -12.96
N GLU C 133 4.40 -23.88 -14.09
CA GLU C 133 3.34 -24.33 -15.01
C GLU C 133 2.02 -24.62 -14.27
N ASN C 134 1.63 -23.72 -13.34
CA ASN C 134 0.41 -23.81 -12.54
C ASN C 134 0.21 -25.12 -11.77
N GLU C 135 1.31 -25.84 -11.49
CA GLU C 135 1.30 -27.09 -10.74
C GLU C 135 1.10 -26.84 -9.23
N LEU C 136 1.45 -25.63 -8.75
CA LEU C 136 1.38 -25.27 -7.34
C LEU C 136 0.57 -24.01 -7.09
N VAL C 137 -0.10 -23.98 -5.94
CA VAL C 137 -0.86 -22.82 -5.47
C VAL C 137 0.17 -21.88 -4.83
N ILE C 138 0.17 -20.60 -5.24
CA ILE C 138 1.09 -19.60 -4.72
C ILE C 138 0.56 -19.01 -3.42
N VAL C 139 1.22 -19.32 -2.30
CA VAL C 139 0.82 -18.80 -0.99
C VAL C 139 1.74 -17.64 -0.60
N SER C 140 1.17 -16.46 -0.34
CA SER C 140 1.91 -15.27 0.05
C SER C 140 1.06 -14.37 0.97
N GLY C 141 1.67 -13.30 1.49
CA GLY C 141 1.02 -12.42 2.46
C GLY C 141 0.50 -11.06 2.05
N LEU C 142 0.28 -10.84 0.74
CA LEU C 142 -0.31 -9.60 0.19
C LEU C 142 0.47 -8.31 0.46
N ALA C 143 1.73 -8.44 0.89
CA ALA C 143 2.65 -7.32 1.17
C ALA C 143 3.12 -6.64 -0.11
N LYS C 144 3.62 -5.39 0.00
CA LYS C 144 4.19 -4.67 -1.14
C LYS C 144 5.43 -5.44 -1.61
N GLY C 145 5.82 -5.24 -2.86
CA GLY C 145 7.00 -5.88 -3.42
C GLY C 145 6.81 -7.32 -3.84
N ILE C 146 7.75 -8.20 -3.43
CA ILE C 146 7.81 -9.64 -3.77
C ILE C 146 6.47 -10.36 -3.63
N ASP C 147 5.75 -10.16 -2.50
CA ASP C 147 4.45 -10.77 -2.24
C ASP C 147 3.44 -10.42 -3.33
N THR C 148 3.33 -9.12 -3.66
CA THR C 148 2.42 -8.62 -4.70
C THR C 148 2.77 -9.20 -6.08
N ALA C 149 4.08 -9.25 -6.40
CA ALA C 149 4.60 -9.80 -7.66
C ALA C 149 4.29 -11.30 -7.79
N ALA C 150 4.30 -12.05 -6.67
CA ALA C 150 4.00 -13.48 -6.67
C ALA C 150 2.52 -13.72 -6.92
N HIS C 151 1.64 -12.93 -6.27
CA HIS C 151 0.18 -13.02 -6.43
C HIS C 151 -0.20 -12.70 -7.88
N ALA C 153 1.70 -12.75 -10.61
CA ALA C 153 2.28 -13.76 -11.51
C ALA C 153 1.41 -15.01 -11.56
N ALA C 154 0.82 -15.40 -10.41
CA ALA C 154 -0.07 -16.56 -10.31
C ALA C 154 -1.39 -16.30 -11.04
N LEU C 155 -1.89 -15.07 -10.96
CA LEU C 155 -3.13 -14.65 -11.59
C LEU C 155 -3.00 -14.56 -13.10
N GLN C 156 -1.90 -13.92 -13.57
CA GLN C 156 -1.61 -13.75 -14.99
C GLN C 156 -1.36 -15.08 -15.70
N ASN C 157 -0.67 -16.03 -15.02
CA ASN C 157 -0.36 -17.38 -15.53
C ASN C 157 -1.59 -18.31 -15.59
N GLY C 158 -2.73 -17.82 -15.11
CA GLY C 158 -3.99 -18.57 -15.07
C GLY C 158 -4.03 -19.60 -13.96
N GLY C 159 -3.24 -19.36 -12.91
CA GLY C 159 -3.16 -20.23 -11.75
C GLY C 159 -4.02 -19.78 -10.59
N LYS C 160 -3.81 -20.39 -9.42
CA LYS C 160 -4.57 -20.07 -8.20
C LYS C 160 -3.66 -19.66 -7.05
N THR C 161 -4.10 -18.66 -6.25
CA THR C 161 -3.33 -18.09 -5.15
C THR C 161 -4.06 -18.01 -3.79
N ILE C 162 -3.29 -18.10 -2.68
CA ILE C 162 -3.81 -17.96 -1.31
C ILE C 162 -3.08 -16.80 -0.63
N ALA C 163 -3.84 -15.87 -0.03
CA ALA C 163 -3.27 -14.72 0.68
C ALA C 163 -3.65 -14.78 2.15
N VAL C 164 -2.66 -14.89 3.02
CA VAL C 164 -2.89 -14.88 4.46
C VAL C 164 -2.48 -13.50 5.00
N ILE C 165 -3.44 -12.78 5.59
CA ILE C 165 -3.30 -11.39 6.04
C ILE C 165 -3.01 -11.19 7.53
N GLY C 166 -2.60 -9.97 7.87
CA GLY C 166 -2.32 -9.54 9.24
C GLY C 166 -3.34 -8.57 9.81
N THR C 167 -4.56 -8.56 9.23
CA THR C 167 -5.68 -7.70 9.63
C THR C 167 -6.98 -8.53 9.57
N GLY C 168 -8.11 -7.86 9.84
CA GLY C 168 -9.43 -8.45 9.71
C GLY C 168 -9.76 -8.50 8.23
N LEU C 169 -10.67 -9.40 7.81
CA LEU C 169 -11.05 -9.57 6.39
C LEU C 169 -11.76 -8.35 5.77
N ASP C 170 -12.09 -7.33 6.60
CA ASP C 170 -12.75 -6.07 6.22
C ASP C 170 -11.80 -4.89 6.29
N VAL C 171 -10.51 -5.15 6.56
CA VAL C 171 -9.45 -4.13 6.64
C VAL C 171 -8.31 -4.46 5.66
N PHE C 172 -7.78 -3.43 4.97
CA PHE C 172 -6.83 -3.62 3.88
C PHE C 172 -5.46 -3.06 4.12
N TYR C 173 -4.45 -3.94 4.20
CA TYR C 173 -3.08 -3.54 4.40
C TYR C 173 -2.08 -4.28 3.47
N PRO C 174 -1.25 -3.57 2.68
CA PRO C 174 -1.20 -2.11 2.50
C PRO C 174 -2.44 -1.58 1.78
N LYS C 175 -2.76 -0.28 1.98
CA LYS C 175 -3.93 0.38 1.37
C LYS C 175 -4.00 0.21 -0.16
N ALA C 176 -2.83 0.25 -0.84
CA ALA C 176 -2.69 0.09 -2.30
C ALA C 176 -3.20 -1.25 -2.83
N ASN C 177 -3.16 -2.30 -1.99
CA ASN C 177 -3.58 -3.65 -2.36
C ASN C 177 -5.05 -3.98 -2.05
N LYS C 178 -5.92 -2.96 -1.89
CA LYS C 178 -7.34 -3.22 -1.62
C LYS C 178 -8.01 -4.03 -2.73
N ARG C 179 -7.90 -3.56 -4.01
CA ARG C 179 -8.48 -4.21 -5.20
C ARG C 179 -8.01 -5.65 -5.36
N LEU C 180 -6.71 -5.92 -5.11
CA LEU C 180 -6.11 -7.25 -5.17
C LEU C 180 -6.64 -8.14 -4.05
N GLN C 181 -6.79 -7.61 -2.83
CA GLN C 181 -7.33 -8.36 -1.67
C GLN C 181 -8.80 -8.72 -1.93
N ASP C 182 -9.58 -7.75 -2.45
CA ASP C 182 -10.99 -7.91 -2.78
C ASP C 182 -11.17 -8.99 -3.85
N TYR C 183 -10.32 -8.99 -4.88
CA TYR C 183 -10.36 -9.98 -5.96
C TYR C 183 -10.00 -11.38 -5.50
N ILE C 184 -8.92 -11.54 -4.70
CA ILE C 184 -8.51 -12.85 -4.16
C ILE C 184 -9.61 -13.38 -3.21
N GLY C 185 -10.34 -12.47 -2.57
CA GLY C 185 -11.44 -12.77 -1.65
C GLY C 185 -12.66 -13.41 -2.29
N ASN C 186 -12.85 -13.18 -3.60
CA ASN C 186 -13.97 -13.74 -4.35
C ASN C 186 -13.48 -14.26 -5.70
N ASP C 187 -13.14 -15.57 -5.74
CA ASP C 187 -12.61 -16.41 -6.83
C ASP C 187 -11.50 -17.31 -6.32
N HIS C 188 -10.62 -16.75 -5.46
CA HIS C 188 -9.50 -17.46 -4.85
C HIS C 188 -9.74 -17.60 -3.35
N LEU C 189 -8.71 -17.41 -2.49
CA LEU C 189 -8.85 -17.56 -1.04
C LEU C 189 -7.98 -16.59 -0.24
N VAL C 190 -8.59 -15.93 0.77
CA VAL C 190 -7.90 -15.03 1.71
C VAL C 190 -8.12 -15.61 3.12
N LEU C 191 -7.03 -15.87 3.88
CA LEU C 191 -7.09 -16.41 5.24
C LEU C 191 -6.66 -15.38 6.30
N SER C 192 -7.22 -15.47 7.52
CA SER C 192 -6.91 -14.58 8.64
C SER C 192 -7.25 -15.21 10.00
N GLU C 193 -6.44 -14.93 11.03
CA GLU C 193 -6.66 -15.39 12.41
C GLU C 193 -7.43 -14.31 13.17
N TYR C 194 -7.48 -13.10 12.58
CA TYR C 194 -8.06 -11.89 13.15
C TYR C 194 -9.51 -11.68 12.79
N GLY C 195 -10.30 -11.33 13.81
CA GLY C 195 -11.73 -11.08 13.70
C GLY C 195 -12.04 -9.76 13.03
N PRO C 196 -13.35 -9.46 12.86
CA PRO C 196 -13.73 -8.21 12.18
C PRO C 196 -13.14 -6.91 12.75
N GLY C 197 -12.65 -6.04 11.86
CA GLY C 197 -12.10 -4.73 12.16
C GLY C 197 -10.73 -4.67 12.81
N GLU C 198 -10.02 -5.82 12.92
CA GLU C 198 -8.68 -5.85 13.52
C GLU C 198 -7.63 -5.18 12.63
N GLN C 199 -6.82 -4.29 13.23
CA GLN C 199 -5.85 -3.42 12.57
C GLN C 199 -4.46 -4.03 12.26
N PRO C 200 -3.69 -3.48 11.25
CA PRO C 200 -2.36 -4.01 10.96
C PRO C 200 -1.29 -3.71 12.03
N LEU C 201 -1.44 -4.34 13.20
CA LEU C 201 -0.53 -4.22 14.34
C LEU C 201 0.78 -4.94 13.99
N LYS C 202 1.93 -4.34 14.36
CA LYS C 202 3.28 -4.86 14.10
C LYS C 202 3.41 -6.39 14.27
N PHE C 203 3.02 -6.93 15.44
CA PHE C 203 3.13 -8.34 15.79
C PHE C 203 2.30 -9.31 14.94
N HIS C 204 1.27 -8.80 14.22
CA HIS C 204 0.40 -9.62 13.37
C HIS C 204 1.17 -10.25 12.21
N PHE C 205 2.17 -9.53 11.67
CA PHE C 205 2.98 -9.92 10.52
C PHE C 205 3.92 -11.10 10.74
N PRO C 206 4.82 -11.13 11.76
CA PRO C 206 5.60 -12.36 12.03
C PRO C 206 4.69 -13.56 12.33
N ALA C 207 3.55 -13.32 13.02
CA ALA C 207 2.54 -14.34 13.38
C ALA C 207 1.89 -14.97 12.14
N ARG C 208 1.48 -14.12 11.20
CA ARG C 208 0.89 -14.40 9.89
C ARG C 208 1.88 -15.25 9.06
N ASN C 209 3.21 -14.92 9.12
CA ASN C 209 4.28 -15.61 8.40
C ASN C 209 4.43 -17.08 8.74
N ARG C 210 4.14 -17.45 10.02
CA ARG C 210 4.14 -18.81 10.57
C ARG C 210 3.13 -19.67 9.79
N ILE C 211 1.94 -19.09 9.45
CA ILE C 211 0.86 -19.73 8.70
C ILE C 211 1.28 -19.90 7.22
N ILE C 212 1.84 -18.83 6.57
CA ILE C 212 2.33 -18.86 5.18
C ILE C 212 3.28 -20.04 5.01
N ALA C 213 4.30 -20.15 5.87
CA ALA C 213 5.29 -21.21 5.86
C ALA C 213 4.66 -22.57 6.18
N GLY C 214 3.88 -22.63 7.26
CA GLY C 214 3.20 -23.83 7.75
C GLY C 214 2.29 -24.52 6.76
N LEU C 215 1.59 -23.74 5.93
CA LEU C 215 0.66 -24.21 4.90
C LEU C 215 1.37 -25.01 3.78
N CYS C 216 2.66 -24.71 3.52
CA CYS C 216 3.42 -25.24 2.40
C CYS C 216 4.57 -26.20 2.72
N ARG C 217 4.89 -27.05 1.73
CA ARG C 217 5.98 -28.04 1.73
C ARG C 217 7.34 -27.35 1.48
N GLY C 218 7.28 -26.17 0.85
CA GLY C 218 8.44 -25.35 0.53
C GLY C 218 8.19 -23.85 0.52
N VAL C 219 9.27 -23.06 0.64
CA VAL C 219 9.24 -21.58 0.61
C VAL C 219 10.23 -21.07 -0.44
N ILE C 220 9.76 -20.18 -1.33
CA ILE C 220 10.59 -19.54 -2.36
C ILE C 220 10.97 -18.13 -1.87
N VAL C 221 12.29 -17.85 -1.80
CA VAL C 221 12.84 -16.54 -1.39
C VAL C 221 13.42 -15.81 -2.58
N ALA C 222 13.26 -14.49 -2.57
CA ALA C 222 13.79 -13.59 -3.59
C ALA C 222 13.99 -12.25 -2.95
N GLU C 223 15.20 -11.71 -3.13
CA GLU C 223 15.62 -10.41 -2.60
C GLU C 223 15.39 -10.27 -1.09
N ALA C 224 15.95 -11.22 -0.33
CA ALA C 224 15.89 -11.17 1.13
C ALA C 224 17.19 -10.52 1.57
N LYS C 225 17.06 -9.44 2.33
CA LYS C 225 18.19 -8.70 2.86
C LYS C 225 18.61 -9.38 4.16
N ARG C 227 19.00 -9.64 8.10
CA ARG C 227 18.10 -9.29 9.20
C ARG C 227 16.73 -8.74 8.76
N SER C 228 16.20 -9.30 7.66
CA SER C 228 14.91 -8.96 7.08
C SER C 228 13.83 -9.94 7.59
N GLY C 229 12.56 -9.60 7.33
CA GLY C 229 11.40 -10.40 7.70
C GLY C 229 11.34 -11.71 6.94
N SER C 230 11.70 -11.65 5.63
CA SER C 230 11.72 -12.81 4.70
C SER C 230 12.71 -13.86 5.17
N LEU C 231 13.90 -13.43 5.63
CA LEU C 231 14.96 -14.28 6.14
C LEU C 231 14.49 -15.03 7.38
N ILE C 232 13.82 -14.31 8.32
CA ILE C 232 13.27 -14.85 9.57
C ILE C 232 12.23 -15.95 9.27
N THR C 233 11.35 -15.72 8.26
CA THR C 233 10.33 -16.68 7.80
C THR C 233 10.99 -17.97 7.29
N CYS C 234 12.09 -17.83 6.52
CA CYS C 234 12.85 -18.95 5.94
C CYS C 234 13.62 -19.73 6.99
N GLU C 235 14.27 -19.02 7.92
CA GLU C 235 15.00 -19.64 9.03
C GLU C 235 14.02 -20.45 9.89
N ARG C 236 12.80 -19.90 10.13
CA ARG C 236 11.72 -20.56 10.88
C ARG C 236 11.16 -21.75 10.10
N ALA C 237 11.07 -21.64 8.76
CA ALA C 237 10.57 -22.71 7.87
C ALA C 237 11.55 -23.88 7.84
N GLU C 239 13.51 -24.67 10.36
CA GLU C 239 13.33 -25.25 11.69
C GLU C 239 12.12 -26.21 11.71
N GLU C 240 11.11 -25.95 10.87
CA GLU C 240 9.91 -26.79 10.73
C GLU C 240 10.11 -27.96 9.75
N GLY C 241 11.34 -28.08 9.20
CA GLY C 241 11.73 -29.12 8.26
C GLY C 241 11.24 -28.90 6.84
N ARG C 242 10.90 -27.64 6.50
CA ARG C 242 10.41 -27.26 5.16
C ARG C 242 11.57 -26.86 4.25
N ASP C 243 11.44 -27.14 2.95
CA ASP C 243 12.44 -26.80 1.95
C ASP C 243 12.40 -25.32 1.66
N VAL C 244 13.59 -24.72 1.53
CA VAL C 244 13.70 -23.31 1.15
C VAL C 244 14.46 -23.19 -0.17
N PHE C 245 13.80 -22.56 -1.16
CA PHE C 245 14.31 -22.38 -2.50
C PHE C 245 14.69 -20.92 -2.68
N ALA C 246 16.00 -20.63 -2.68
CA ALA C 246 16.46 -19.26 -2.80
C ALA C 246 16.89 -18.88 -4.21
N ILE C 247 16.41 -17.71 -4.68
CA ILE C 247 16.74 -17.14 -5.99
C ILE C 247 17.97 -16.25 -5.79
N PRO C 248 19.12 -16.55 -6.48
CA PRO C 248 20.32 -15.72 -6.29
C PRO C 248 20.23 -14.40 -7.05
N GLY C 249 21.16 -13.52 -6.73
CA GLY C 249 21.27 -12.22 -7.35
C GLY C 249 22.71 -11.74 -7.34
N SER C 250 22.88 -10.45 -7.66
CA SER C 250 24.18 -9.80 -7.69
C SER C 250 24.75 -9.72 -6.27
N ILE C 251 26.06 -9.82 -6.14
CA ILE C 251 26.76 -9.71 -4.86
C ILE C 251 27.16 -8.25 -4.62
N LEU C 252 26.88 -7.39 -5.61
CA LEU C 252 27.21 -5.96 -5.59
C LEU C 252 26.13 -5.08 -4.94
N ASP C 253 24.83 -5.26 -5.31
CA ASP C 253 23.70 -4.46 -4.82
C ASP C 253 23.29 -4.62 -3.35
N GLY C 254 23.47 -5.83 -2.81
CA GLY C 254 23.14 -6.14 -1.42
C GLY C 254 21.74 -6.60 -1.13
N LEU C 255 20.84 -6.55 -2.14
CA LEU C 255 19.45 -6.98 -1.93
C LEU C 255 19.19 -8.49 -1.90
N SER C 256 20.20 -9.33 -2.23
CA SER C 256 20.07 -10.80 -2.19
C SER C 256 21.00 -11.50 -1.17
N ASP C 257 21.59 -10.73 -0.23
CA ASP C 257 22.51 -11.27 0.79
C ASP C 257 21.90 -12.30 1.76
N GLY C 258 20.60 -12.20 2.01
CA GLY C 258 19.86 -13.14 2.84
C GLY C 258 19.67 -14.46 2.12
N CYS C 259 19.38 -14.39 0.80
CA CYS C 259 19.21 -15.54 -0.10
C CYS C 259 20.52 -16.31 -0.18
N HIS C 260 21.63 -15.57 -0.34
CA HIS C 260 22.98 -16.10 -0.43
C HIS C 260 23.40 -16.77 0.87
N HIS C 261 23.07 -16.15 2.03
CA HIS C 261 23.33 -16.70 3.36
C HIS C 261 22.56 -18.02 3.54
N LEU C 262 21.29 -18.05 3.10
CA LEU C 262 20.42 -19.24 3.18
C LEU C 262 20.97 -20.42 2.38
N ILE C 263 21.47 -20.14 1.14
CA ILE C 263 22.07 -21.15 0.26
C ILE C 263 23.33 -21.74 0.93
N GLN C 264 24.15 -20.89 1.55
CA GLN C 264 25.35 -21.29 2.28
C GLN C 264 25.00 -22.21 3.44
N GLU C 265 23.90 -21.92 4.16
CA GLU C 265 23.45 -22.73 5.30
C GLU C 265 22.96 -24.12 4.88
N GLY C 266 22.41 -24.23 3.68
CA GLY C 266 21.87 -25.48 3.15
C GLY C 266 20.66 -25.38 2.26
N ALA C 267 20.15 -24.17 1.99
CA ALA C 267 18.97 -23.98 1.12
C ALA C 267 19.33 -24.29 -0.34
N LYS C 268 18.30 -24.62 -1.13
CA LYS C 268 18.45 -24.96 -2.53
C LYS C 268 18.45 -23.69 -3.38
N LEU C 269 19.50 -23.52 -4.21
CA LEU C 269 19.61 -22.39 -5.13
C LEU C 269 18.69 -22.74 -6.31
N VAL C 270 17.79 -21.83 -6.69
CA VAL C 270 16.86 -22.05 -7.81
C VAL C 270 16.99 -20.98 -8.90
N THR C 271 16.92 -21.39 -10.17
CA THR C 271 17.04 -20.51 -11.34
C THR C 271 15.75 -20.52 -12.18
N SER C 272 14.91 -21.55 -12.00
CA SER C 272 13.65 -21.72 -12.73
C SER C 272 12.61 -22.44 -11.88
N GLY C 273 11.39 -22.52 -12.40
CA GLY C 273 10.29 -23.26 -11.78
C GLY C 273 10.56 -24.74 -11.80
N GLN C 274 11.29 -25.20 -12.83
CA GLN C 274 11.70 -26.59 -13.01
C GLN C 274 12.66 -27.02 -11.90
N ASP C 275 13.51 -26.09 -11.41
CA ASP C 275 14.43 -26.32 -10.30
C ASP C 275 13.65 -26.57 -9.02
N VAL C 276 12.53 -25.85 -8.83
CA VAL C 276 11.62 -25.96 -7.68
C VAL C 276 10.87 -27.31 -7.74
N LEU C 277 10.14 -27.57 -8.85
CA LEU C 277 9.35 -28.79 -9.07
C LEU C 277 10.16 -30.10 -8.92
N ALA C 278 11.48 -30.03 -9.19
CA ALA C 278 12.39 -31.17 -9.11
C ALA C 278 12.56 -31.63 -7.67
N GLU C 279 12.95 -30.72 -6.76
CA GLU C 279 13.20 -31.02 -5.35
C GLU C 279 11.96 -30.87 -4.43
N PHE C 280 10.75 -30.69 -5.03
CA PHE C 280 9.51 -30.53 -4.29
C PHE C 280 8.94 -31.84 -3.74
N GLU C 281 8.24 -31.76 -2.58
CA GLU C 281 7.65 -32.90 -1.87
C GLU C 281 6.24 -33.31 -2.33
N PHE C 282 5.50 -32.38 -2.95
CA PHE C 282 4.13 -32.54 -3.48
C PHE C 282 3.09 -33.03 -2.48
#